data_8OK9
#
_entry.id   8OK9
#
_cell.length_a   81.714
_cell.length_b   105.893
_cell.length_c   144.347
_cell.angle_alpha   90.00
_cell.angle_beta   90.00
_cell.angle_gamma   90.00
#
_symmetry.space_group_name_H-M   'P 21 21 21'
#
loop_
_entity.id
_entity.type
_entity.pdbx_description
1 polymer 'Piwi protein AF_1318'
2 polymer 'Archaeoglobus fulgidus AfAgo-N protein'
3 polymer "DNA (5'-D(P*AP*TP*CP*GP*AP*CP*CP*AP*GP*GP*CP*TP*AP*CP*G)-3')"
4 non-polymer 'MAGNESIUM ION'
5 non-polymer 'ACETIC ACID'
6 non-polymer 1,2-ETHANEDIOL
7 non-polymer DI(HYDROXYETHYL)ETHER
8 water water
#
loop_
_entity_poly.entity_id
_entity_poly.type
_entity_poly.pdbx_seq_one_letter_code
_entity_poly.pdbx_strand_id
1 'polypeptide(L)'
;MGSSHHHHHHSQDPMMEYKIVENGLTYRIGNGASVPISNTGELIKGLRNYGPYEVPSLKYNQIALIHNNQFSSLINQLKS
QISSKIDEVWHIHNINISEFIYDSPHFDSIKSQVDNAIDTGVDGIMLVLPEYNTPLYYKLKSYLINSIPSQFMRYDILSN
RNLTFYVDNLLVQFVSKLGGKPWILNVDPEKGSDIIIGTGATRIDNVNLFCFAMVFKKDGTMLWNEISPIVTSSEYLTYL
KSTIKKVVYGFKKSNPDWDVEKLTLHVSGKRPKMKDGETKILKETVEELKKQEMVSRDVKYAILHLNETHPFWVMGDPNN
RFHPYEGTKVKLSSKRYLLTLLQPYLKRNGLEMVTPIKPLSVEIVSDNWTSEEYYHNVHEILDEIYYLSKMNWRGFRSRN
LPVTVNYPKLVAGIIANVNRYGGYPINPEGNRSLQTNPWFL
;
A
2 'polypeptide(L)'
;MGSSHHHHHHSQDPMEIPLSSGNVNTPDVRSSGILYINIYPIVNYPETIKVSAIPYYEEFLPGKWKKRIGDLIYLYGYGI
ENEFDEIDNSNALFGKIFRKYLLDILSENIATPWQLKELGSTLRLVKEITENYEFSNIIKLQYELIINVHHWQNTNFGII
VDLKINILDRENNQRISYTKIKDKYGESVKKKIWVSVQAFHRHLTPEGKKYATAMRDKFNLLTGLLKEAFGSSEDEKTFS
TPDGEIKIVFKPLEIVEVSNNDGI
;
C
3 'polydeoxyribonucleotide' (DA)(DT)(DC)(DG)(DA)(DC)(DC)(DA)(DG)(DG)(DC)(DT)(DA)(DC)(DG) R,S
#
loop_
_chem_comp.id
_chem_comp.type
_chem_comp.name
_chem_comp.formula
ACY non-polymer 'ACETIC ACID' 'C2 H4 O2'
DA DNA linking 2'-DEOXYADENOSINE-5'-MONOPHOSPHATE 'C10 H14 N5 O6 P'
DC DNA linking 2'-DEOXYCYTIDINE-5'-MONOPHOSPHATE 'C9 H14 N3 O7 P'
DG DNA linking 2'-DEOXYGUANOSINE-5'-MONOPHOSPHATE 'C10 H14 N5 O7 P'
DT DNA linking THYMIDINE-5'-MONOPHOSPHATE 'C10 H15 N2 O8 P'
EDO non-polymer 1,2-ETHANEDIOL 'C2 H6 O2'
MG non-polymer 'MAGNESIUM ION' 'Mg 2'
PEG non-polymer DI(HYDROXYETHYL)ETHER 'C4 H10 O3'
#
# COMPACT_ATOMS: atom_id res chain seq x y z
N GLN A 12 18.45 15.30 -17.55
CA GLN A 12 17.02 15.41 -17.15
C GLN A 12 16.73 14.26 -16.18
N ASP A 13 15.88 14.49 -15.17
CA ASP A 13 15.54 13.46 -14.15
C ASP A 13 16.80 12.87 -13.50
N PRO A 14 17.63 13.64 -12.75
CA PRO A 14 18.78 13.07 -12.07
C PRO A 14 18.35 12.06 -10.98
N MET A 15 19.13 11.00 -10.76
CA MET A 15 18.72 9.91 -9.83
C MET A 15 19.10 10.22 -8.37
N MET A 16 18.43 9.57 -7.41
CA MET A 16 18.62 9.82 -5.97
C MET A 16 18.61 11.31 -5.66
N GLU A 17 17.90 12.06 -6.48
CA GLU A 17 17.43 13.39 -6.16
C GLU A 17 15.92 13.31 -6.00
N TYR A 18 15.30 14.42 -5.64
CA TYR A 18 13.86 14.43 -5.45
C TYR A 18 13.31 15.73 -6.01
N LYS A 19 12.08 15.66 -6.53
CA LYS A 19 11.30 16.79 -7.06
C LYS A 19 9.94 16.65 -6.38
N ILE A 20 9.28 17.76 -6.10
CA ILE A 20 7.99 17.75 -5.42
C ILE A 20 6.89 18.08 -6.41
N VAL A 21 5.75 17.39 -6.30
CA VAL A 21 4.61 17.68 -7.15
C VAL A 21 4.15 19.11 -6.90
N GLU A 22 3.90 19.84 -7.99
CA GLU A 22 3.39 21.20 -7.88
C GLU A 22 2.00 21.18 -7.26
N ASN A 23 1.84 21.87 -6.14
CA ASN A 23 0.67 21.73 -5.29
C ASN A 23 -0.44 22.67 -5.74
N GLY A 24 -1.48 22.78 -4.91
CA GLY A 24 -2.68 23.51 -5.27
C GLY A 24 -3.87 22.64 -5.66
N LEU A 25 -3.77 21.33 -5.50
CA LEU A 25 -4.87 20.44 -5.84
C LEU A 25 -6.06 20.68 -4.91
N THR A 26 -7.25 20.72 -5.49
CA THR A 26 -8.47 20.99 -4.74
C THR A 26 -9.54 19.96 -5.08
N TYR A 27 -10.55 19.88 -4.21
CA TYR A 27 -11.73 19.06 -4.44
C TYR A 27 -12.81 19.89 -5.14
N ARG A 28 -13.78 19.21 -5.73
CA ARG A 28 -14.92 19.89 -6.37
C ARG A 28 -16.13 19.35 -5.62
N ILE A 29 -16.77 20.19 -4.82
CA ILE A 29 -17.84 19.65 -3.95
C ILE A 29 -19.24 20.07 -4.39
N GLY A 30 -19.46 20.65 -5.54
CA GLY A 30 -20.88 20.98 -5.83
C GLY A 30 -21.17 22.47 -5.75
N ASN A 31 -22.17 22.94 -6.51
CA ASN A 31 -22.46 24.39 -6.61
C ASN A 31 -21.22 25.10 -7.15
N GLY A 32 -20.44 24.41 -8.00
CA GLY A 32 -19.20 24.97 -8.56
C GLY A 32 -18.23 25.40 -7.48
N ALA A 33 -18.15 24.67 -6.37
CA ALA A 33 -17.30 25.13 -5.25
C ALA A 33 -16.08 24.22 -5.10
N SER A 34 -14.92 24.81 -4.78
CA SER A 34 -13.69 24.05 -4.64
C SER A 34 -13.09 24.30 -3.26
N VAL A 35 -12.79 23.23 -2.54
CA VAL A 35 -12.15 23.33 -1.23
C VAL A 35 -10.75 22.75 -1.32
N PRO A 36 -9.81 23.21 -0.50
CA PRO A 36 -8.45 22.64 -0.55
C PRO A 36 -8.44 21.23 0.01
N ILE A 37 -7.44 20.47 -0.44
CA ILE A 37 -7.23 19.11 0.09
C ILE A 37 -6.61 19.22 1.47
N SER A 38 -6.56 18.10 2.19
CA SER A 38 -5.85 18.00 3.47
C SER A 38 -6.38 18.99 4.49
N ASN A 39 -7.69 19.25 4.45
CA ASN A 39 -8.33 20.15 5.41
C ASN A 39 -9.76 19.65 5.60
N THR A 40 -9.93 18.76 6.59
CA THR A 40 -11.25 18.18 6.84
C THR A 40 -12.25 19.24 7.28
N GLY A 41 -11.79 20.25 8.03
CA GLY A 41 -12.70 21.30 8.48
C GLY A 41 -13.29 22.11 7.33
N GLU A 42 -12.44 22.48 6.37
CA GLU A 42 -12.94 23.23 5.21
C GLU A 42 -13.90 22.38 4.38
N LEU A 43 -13.61 21.09 4.24
CA LEU A 43 -14.46 20.22 3.43
C LEU A 43 -15.84 20.05 4.04
N ILE A 44 -15.91 19.88 5.37
CA ILE A 44 -17.21 19.72 6.02
C ILE A 44 -17.98 21.04 5.98
N LYS A 45 -17.28 22.15 6.17
CA LYS A 45 -17.94 23.46 6.01
C LYS A 45 -18.48 23.63 4.60
N GLY A 46 -17.69 23.25 3.59
CA GLY A 46 -18.13 23.40 2.22
C GLY A 46 -19.30 22.49 1.88
N LEU A 47 -19.22 21.23 2.29
CA LEU A 47 -20.31 20.29 2.06
C LEU A 47 -21.62 20.81 2.65
N ARG A 48 -21.54 21.44 3.82
CA ARG A 48 -22.78 21.81 4.50
C ARG A 48 -23.36 23.11 3.94
N ASN A 49 -22.54 23.91 3.24
CA ASN A 49 -22.97 25.11 2.54
C ASN A 49 -23.36 24.84 1.09
N TYR A 50 -22.64 23.96 0.40
CA TYR A 50 -22.84 23.74 -1.02
C TYR A 50 -23.23 22.31 -1.38
N GLY A 51 -23.26 21.39 -0.41
CA GLY A 51 -23.62 20.02 -0.69
C GLY A 51 -22.47 19.24 -1.26
N PRO A 52 -22.67 17.93 -1.46
CA PRO A 52 -21.66 17.11 -2.14
C PRO A 52 -21.67 17.40 -3.64
N TYR A 53 -20.67 16.83 -4.33
CA TYR A 53 -20.59 17.02 -5.77
C TYR A 53 -21.83 16.46 -6.47
N GLU A 54 -22.44 15.41 -5.93
CA GLU A 54 -23.65 14.84 -6.51
C GLU A 54 -24.45 14.17 -5.40
N VAL A 55 -25.58 14.76 -5.04
CA VAL A 55 -26.52 14.10 -4.13
C VAL A 55 -27.10 12.88 -4.84
N PRO A 56 -27.17 11.72 -4.18
CA PRO A 56 -27.73 10.54 -4.85
C PRO A 56 -29.23 10.67 -5.03
N SER A 57 -29.69 10.30 -6.23
CA SER A 57 -31.11 10.24 -6.54
C SER A 57 -31.65 8.87 -6.10
N LEU A 58 -32.63 8.88 -5.20
CA LEU A 58 -33.12 7.67 -4.58
C LEU A 58 -34.53 7.34 -5.05
N LYS A 59 -34.85 6.04 -5.02
CA LYS A 59 -36.19 5.58 -5.40
C LYS A 59 -37.22 5.91 -4.33
N TYR A 60 -36.96 5.49 -3.09
CA TYR A 60 -37.98 5.51 -2.05
C TYR A 60 -37.77 6.60 -1.01
N ASN A 61 -36.61 7.25 -0.99
CA ASN A 61 -36.27 8.22 0.06
C ASN A 61 -36.45 7.60 1.45
N GLN A 62 -36.02 6.35 1.58
CA GLN A 62 -36.28 5.56 2.78
C GLN A 62 -35.07 4.69 3.09
N ILE A 63 -34.64 4.70 4.35
CA ILE A 63 -33.47 3.96 4.81
C ILE A 63 -33.89 3.08 5.97
N ALA A 64 -33.52 1.81 5.92
CA ALA A 64 -33.88 0.84 6.95
C ALA A 64 -32.75 0.68 7.96
N LEU A 65 -33.08 0.73 9.24
CA LEU A 65 -32.14 0.52 10.34
C LEU A 65 -32.54 -0.73 11.09
N ILE A 66 -31.68 -1.75 11.08
CA ILE A 66 -31.95 -3.05 11.67
C ILE A 66 -31.02 -3.25 12.85
N HIS A 67 -31.58 -3.68 13.98
CA HIS A 67 -30.85 -3.80 15.24
C HIS A 67 -31.61 -4.76 16.15
N ASN A 68 -31.04 -5.06 17.32
CA ASN A 68 -31.68 -5.98 18.28
C ASN A 68 -32.03 -5.23 19.56
N ASN A 69 -31.82 -3.92 19.59
CA ASN A 69 -32.05 -3.16 20.84
C ASN A 69 -33.37 -2.40 20.75
N GLN A 70 -34.42 -2.89 21.42
CA GLN A 70 -35.75 -2.25 21.33
C GLN A 70 -35.78 -1.02 22.24
N PHE A 71 -36.22 0.13 21.71
CA PHE A 71 -36.36 1.37 22.51
C PHE A 71 -35.05 1.71 23.22
N SER A 72 -33.91 1.52 22.56
CA SER A 72 -32.60 1.86 23.17
C SER A 72 -32.32 3.34 22.96
N SER A 73 -31.78 3.99 23.98
CA SER A 73 -31.48 5.42 23.86
C SER A 73 -30.39 5.67 22.83
N LEU A 74 -29.33 4.85 22.84
CA LEU A 74 -28.24 5.03 21.89
C LEU A 74 -28.71 4.82 20.45
N ILE A 75 -29.68 3.92 20.25
CA ILE A 75 -30.25 3.75 18.91
C ILE A 75 -30.99 5.01 18.49
N ASN A 76 -31.64 5.69 19.44
CA ASN A 76 -32.31 6.94 19.13
C ASN A 76 -31.33 8.06 18.85
N GLN A 77 -30.23 8.13 19.61
CA GLN A 77 -29.20 9.12 19.32
C GLN A 77 -28.53 8.85 17.97
N LEU A 78 -28.35 7.57 17.62
CA LEU A 78 -27.71 7.22 16.36
C LEU A 78 -28.59 7.63 15.18
N LYS A 79 -29.83 7.14 15.17
CA LYS A 79 -30.84 7.56 14.21
C LYS A 79 -30.99 9.08 14.16
N SER A 80 -30.81 9.75 15.29
CA SER A 80 -30.87 11.21 15.33
C SER A 80 -29.72 11.81 14.52
N GLN A 81 -28.48 11.43 14.86
CA GLN A 81 -27.32 11.95 14.16
C GLN A 81 -27.36 11.62 12.67
N ILE A 82 -27.78 10.40 12.33
CA ILE A 82 -27.89 10.03 10.92
C ILE A 82 -28.85 10.97 10.20
N SER A 83 -30.06 11.12 10.74
CA SER A 83 -31.11 11.87 10.05
C SER A 83 -30.73 13.33 9.86
N SER A 84 -30.13 13.97 10.87
CA SER A 84 -29.81 15.39 10.75
C SER A 84 -28.63 15.60 9.80
N LYS A 85 -27.58 14.81 9.94
CA LYS A 85 -26.37 15.04 9.15
C LYS A 85 -26.57 14.66 7.68
N ILE A 86 -27.41 13.66 7.40
CA ILE A 86 -27.70 13.30 6.00
C ILE A 86 -28.44 14.42 5.29
N ASP A 87 -29.09 15.31 6.04
CA ASP A 87 -29.80 16.43 5.44
C ASP A 87 -28.95 17.68 5.46
N GLU A 88 -28.14 17.85 6.49
CA GLU A 88 -27.51 19.14 6.69
C GLU A 88 -26.12 19.16 6.04
N VAL A 89 -25.39 18.06 6.18
CA VAL A 89 -24.08 17.92 5.54
C VAL A 89 -24.24 17.46 4.09
N TRP A 90 -25.01 16.40 3.85
CA TRP A 90 -25.06 15.80 2.52
C TRP A 90 -26.25 16.25 1.68
N HIS A 91 -27.14 17.06 2.25
CA HIS A 91 -28.26 17.67 1.50
C HIS A 91 -29.17 16.61 0.87
N ILE A 92 -29.38 15.51 1.59
CA ILE A 92 -30.32 14.48 1.19
C ILE A 92 -31.60 14.73 2.00
N HIS A 93 -32.64 15.20 1.32
CA HIS A 93 -33.81 15.76 1.97
C HIS A 93 -34.95 14.74 2.04
N ASN A 94 -35.75 14.87 3.11
CA ASN A 94 -36.99 14.11 3.27
C ASN A 94 -36.73 12.60 3.28
N ILE A 95 -35.81 12.19 4.14
CA ILE A 95 -35.49 10.78 4.33
C ILE A 95 -36.09 10.33 5.66
N ASN A 96 -36.78 9.20 5.65
CA ASN A 96 -37.33 8.60 6.85
C ASN A 96 -36.67 7.26 7.11
N ILE A 97 -36.48 6.94 8.39
CA ILE A 97 -35.73 5.76 8.81
C ILE A 97 -36.69 4.81 9.51
N SER A 98 -37.01 3.70 8.86
CA SER A 98 -37.84 2.66 9.46
C SER A 98 -36.96 1.63 10.15
N GLU A 99 -37.39 1.21 11.33
CA GLU A 99 -36.63 0.29 12.16
C GLU A 99 -37.19 -1.12 12.04
N PHE A 100 -36.30 -2.10 11.96
CA PHE A 100 -36.64 -3.51 11.92
C PHE A 100 -35.86 -4.23 13.01
N ILE A 101 -36.57 -4.93 13.90
CA ILE A 101 -35.95 -5.60 15.04
C ILE A 101 -35.82 -7.08 14.72
N TYR A 102 -34.61 -7.63 14.83
CA TYR A 102 -34.40 -9.06 14.74
C TYR A 102 -34.29 -9.65 16.14
N ASP A 103 -34.95 -10.78 16.36
CA ASP A 103 -35.09 -11.32 17.70
C ASP A 103 -33.77 -11.85 18.25
N SER A 104 -32.92 -12.43 17.39
CA SER A 104 -31.71 -13.08 17.85
C SER A 104 -30.55 -12.82 16.89
N PRO A 105 -29.33 -12.67 17.43
CA PRO A 105 -28.16 -12.34 16.59
C PRO A 105 -27.60 -13.55 15.85
N HIS A 106 -28.40 -14.11 14.94
CA HIS A 106 -27.96 -15.18 14.06
C HIS A 106 -28.39 -14.85 12.64
N PHE A 107 -27.74 -15.49 11.67
CA PHE A 107 -27.94 -15.11 10.27
C PHE A 107 -29.40 -15.25 9.85
N ASP A 108 -30.03 -16.37 10.21
CA ASP A 108 -31.41 -16.61 9.78
C ASP A 108 -32.35 -15.53 10.32
N SER A 109 -32.24 -15.24 11.62
CA SER A 109 -33.08 -14.20 12.21
C SER A 109 -32.83 -12.85 11.55
N ILE A 110 -31.57 -12.49 11.35
CA ILE A 110 -31.25 -11.19 10.76
C ILE A 110 -31.64 -11.16 9.29
N LYS A 111 -31.43 -12.26 8.57
CA LYS A 111 -31.82 -12.31 7.16
C LYS A 111 -33.31 -12.12 6.99
N SER A 112 -34.11 -12.59 7.95
CA SER A 112 -35.56 -12.38 7.90
C SER A 112 -35.88 -10.88 7.89
N GLN A 113 -35.30 -10.13 8.82
CA GLN A 113 -35.56 -8.69 8.88
C GLN A 113 -34.97 -7.98 7.67
N VAL A 114 -33.81 -8.43 7.19
CA VAL A 114 -33.26 -7.88 5.94
C VAL A 114 -34.27 -8.05 4.81
N ASP A 115 -34.72 -9.28 4.58
CA ASP A 115 -35.69 -9.54 3.52
C ASP A 115 -37.00 -8.81 3.77
N ASN A 116 -37.39 -8.66 5.04
CA ASN A 116 -38.58 -7.85 5.35
C ASN A 116 -38.36 -6.40 4.97
N ALA A 117 -37.15 -5.88 5.16
CA ALA A 117 -36.87 -4.49 4.81
C ALA A 117 -36.85 -4.29 3.29
N ILE A 118 -36.33 -5.28 2.55
CA ILE A 118 -36.35 -5.19 1.09
C ILE A 118 -37.78 -5.08 0.58
N ASP A 119 -38.71 -5.82 1.20
CA ASP A 119 -40.07 -5.89 0.70
C ASP A 119 -40.81 -4.57 0.89
N THR A 120 -40.42 -3.77 1.88
CA THR A 120 -41.10 -2.49 2.10
C THR A 120 -40.68 -1.44 1.08
N GLY A 121 -39.49 -1.58 0.49
CA GLY A 121 -39.00 -0.60 -0.45
C GLY A 121 -38.04 0.40 0.19
N VAL A 122 -36.75 0.07 0.19
CA VAL A 122 -35.73 0.89 0.83
C VAL A 122 -34.59 1.13 -0.16
N ASP A 123 -33.90 2.25 0.03
CA ASP A 123 -32.73 2.56 -0.77
C ASP A 123 -31.45 1.96 -0.20
N GLY A 124 -31.42 1.74 1.12
CA GLY A 124 -30.26 1.17 1.76
C GLY A 124 -30.64 0.60 3.12
N ILE A 125 -29.77 -0.27 3.62
CA ILE A 125 -29.97 -0.93 4.90
C ILE A 125 -28.80 -0.61 5.81
N MET A 126 -29.07 -0.06 6.98
CA MET A 126 -28.06 0.18 8.00
C MET A 126 -28.31 -0.83 9.13
N LEU A 127 -27.41 -1.79 9.28
CA LEU A 127 -27.62 -2.92 10.17
C LEU A 127 -26.64 -2.83 11.32
N VAL A 128 -27.14 -3.01 12.54
CA VAL A 128 -26.33 -3.02 13.75
C VAL A 128 -26.19 -4.46 14.23
N LEU A 129 -24.96 -4.85 14.55
CA LEU A 129 -24.64 -6.16 15.10
C LEU A 129 -24.01 -6.01 16.47
N PRO A 130 -24.24 -6.97 17.38
CA PRO A 130 -23.82 -6.78 18.78
C PRO A 130 -22.31 -6.76 18.99
N GLU A 131 -21.59 -7.73 18.44
CA GLU A 131 -20.18 -7.88 18.74
C GLU A 131 -19.34 -8.04 17.47
N TYR A 132 -18.10 -8.51 17.63
CA TYR A 132 -17.17 -8.69 16.52
C TYR A 132 -17.24 -10.15 16.09
N ASN A 133 -18.18 -10.47 15.21
CA ASN A 133 -18.39 -11.83 14.70
C ASN A 133 -18.00 -11.83 13.23
N THR A 134 -16.78 -12.26 12.95
CA THR A 134 -16.27 -12.21 11.57
C THR A 134 -17.06 -13.10 10.62
N PRO A 135 -17.33 -14.38 10.92
CA PRO A 135 -18.12 -15.18 9.97
C PRO A 135 -19.54 -14.67 9.77
N LEU A 136 -20.21 -14.25 10.85
CA LEU A 136 -21.55 -13.70 10.72
C LEU A 136 -21.55 -12.41 9.92
N TYR A 137 -20.56 -11.55 10.16
CA TYR A 137 -20.51 -10.28 9.45
C TYR A 137 -20.36 -10.48 7.94
N TYR A 138 -19.46 -11.39 7.54
CA TYR A 138 -19.19 -11.57 6.12
C TYR A 138 -20.28 -12.38 5.42
N LYS A 139 -20.93 -13.30 6.13
CA LYS A 139 -22.10 -13.96 5.56
C LYS A 139 -23.23 -12.96 5.34
N LEU A 140 -23.40 -12.02 6.26
CA LEU A 140 -24.42 -10.99 6.10
C LEU A 140 -24.00 -9.96 5.05
N LYS A 141 -22.72 -9.59 5.04
CA LYS A 141 -22.25 -8.58 4.09
C LYS A 141 -22.35 -9.10 2.66
N SER A 142 -21.91 -10.34 2.42
CA SER A 142 -21.99 -10.91 1.08
C SER A 142 -23.43 -11.02 0.60
N TYR A 143 -24.36 -11.28 1.52
CA TYR A 143 -25.78 -11.35 1.15
C TYR A 143 -26.30 -9.99 0.74
N LEU A 144 -26.05 -8.97 1.58
CA LEU A 144 -26.49 -7.60 1.30
C LEU A 144 -25.85 -7.02 0.05
N ILE A 145 -24.56 -7.32 -0.18
CA ILE A 145 -23.87 -6.79 -1.35
C ILE A 145 -24.59 -7.21 -2.62
N ASN A 146 -25.18 -8.41 -2.64
CA ASN A 146 -25.88 -8.91 -3.81
C ASN A 146 -27.31 -8.38 -3.91
N SER A 147 -27.74 -7.49 -3.01
CA SER A 147 -29.14 -7.09 -2.97
C SER A 147 -29.31 -5.58 -2.93
N ILE A 148 -28.72 -4.92 -1.94
CA ILE A 148 -29.04 -3.54 -1.60
C ILE A 148 -27.79 -2.86 -1.04
N PRO A 149 -27.61 -1.56 -1.26
CA PRO A 149 -26.55 -0.84 -0.53
C PRO A 149 -26.74 -0.97 0.97
N SER A 150 -25.64 -1.22 1.68
CA SER A 150 -25.71 -1.51 3.10
C SER A 150 -24.55 -0.85 3.85
N GLN A 151 -24.78 -0.57 5.12
CA GLN A 151 -23.75 -0.03 6.02
C GLN A 151 -23.88 -0.71 7.36
N PHE A 152 -22.82 -1.38 7.80
CA PHE A 152 -22.84 -2.12 9.05
C PHE A 152 -22.31 -1.27 10.20
N MET A 153 -22.76 -1.62 11.41
CA MET A 153 -22.32 -0.96 12.64
C MET A 153 -22.28 -1.99 13.76
N ARG A 154 -21.44 -1.73 14.76
CA ARG A 154 -21.38 -2.53 15.98
C ARG A 154 -21.99 -1.76 17.14
N TYR A 155 -22.92 -2.39 17.85
CA TYR A 155 -23.54 -1.77 19.01
C TYR A 155 -22.52 -1.56 20.14
N ASP A 156 -21.65 -2.56 20.36
CA ASP A 156 -20.77 -2.53 21.52
C ASP A 156 -19.67 -1.48 21.42
N ILE A 157 -19.42 -0.91 20.24
CA ILE A 157 -18.34 0.05 20.09
C ILE A 157 -18.91 1.47 20.07
N LEU A 158 -20.10 1.65 19.49
CA LEU A 158 -20.70 2.98 19.51
C LEU A 158 -21.12 3.41 20.90
N SER A 159 -20.98 2.55 21.91
CA SER A 159 -21.30 2.93 23.28
C SER A 159 -20.31 3.97 23.80
N ASN A 160 -19.01 3.71 23.64
CA ASN A 160 -17.96 4.61 24.14
C ASN A 160 -17.30 5.40 23.02
N ARG A 161 -18.05 5.76 21.99
CA ARG A 161 -17.59 6.69 20.97
C ARG A 161 -18.40 7.97 21.05
N ASN A 162 -17.79 9.05 20.56
CA ASN A 162 -18.53 10.28 20.32
C ASN A 162 -19.32 10.06 19.03
N LEU A 163 -20.63 9.85 19.17
CA LEU A 163 -21.47 9.51 18.02
C LEU A 163 -21.51 10.61 16.98
N THR A 164 -21.04 11.81 17.30
CA THR A 164 -21.09 12.89 16.34
C THR A 164 -20.02 12.71 15.26
N PHE A 165 -18.79 12.38 15.69
CA PHE A 165 -17.73 12.00 14.77
C PHE A 165 -17.97 10.62 14.18
N TYR A 166 -18.57 9.71 14.94
CA TYR A 166 -18.82 8.36 14.43
C TYR A 166 -19.77 8.38 13.24
N VAL A 167 -20.83 9.19 13.33
CA VAL A 167 -21.85 9.18 12.28
C VAL A 167 -21.38 9.96 11.05
N ASP A 168 -20.84 11.16 11.25
CA ASP A 168 -20.49 12.01 10.11
C ASP A 168 -19.33 11.41 9.31
N ASN A 169 -18.46 10.62 9.94
CA ASN A 169 -17.48 9.86 9.19
C ASN A 169 -18.12 8.66 8.51
N LEU A 170 -19.05 8.00 9.19
CA LEU A 170 -19.70 6.82 8.65
C LEU A 170 -20.51 7.14 7.39
N LEU A 171 -21.04 8.36 7.30
CA LEU A 171 -21.92 8.71 6.19
C LEU A 171 -21.19 8.91 4.87
N VAL A 172 -19.88 9.16 4.91
CA VAL A 172 -19.12 9.35 3.67
C VAL A 172 -19.24 8.12 2.78
N GLN A 173 -18.96 6.95 3.34
CA GLN A 173 -19.03 5.72 2.54
C GLN A 173 -20.46 5.31 2.24
N PHE A 174 -21.40 5.62 3.15
CA PHE A 174 -22.79 5.22 2.90
C PHE A 174 -23.43 6.07 1.83
N VAL A 175 -23.12 7.37 1.79
CA VAL A 175 -23.58 8.21 0.69
C VAL A 175 -23.02 7.71 -0.63
N SER A 176 -21.74 7.31 -0.63
CA SER A 176 -21.13 6.78 -1.85
C SER A 176 -21.77 5.46 -2.27
N LYS A 177 -22.12 4.61 -1.30
CA LYS A 177 -22.76 3.34 -1.61
C LYS A 177 -24.13 3.56 -2.25
N LEU A 178 -24.82 4.63 -1.88
CA LEU A 178 -26.12 4.94 -2.45
C LEU A 178 -26.03 5.57 -3.83
N GLY A 179 -24.82 5.72 -4.37
CA GLY A 179 -24.63 6.32 -5.67
C GLY A 179 -24.23 7.78 -5.67
N GLY A 180 -24.21 8.42 -4.51
CA GLY A 180 -23.79 9.80 -4.43
C GLY A 180 -22.29 9.96 -4.65
N LYS A 181 -21.89 11.21 -4.87
CA LYS A 181 -20.50 11.55 -5.14
C LYS A 181 -20.06 12.63 -4.16
N PRO A 182 -19.43 12.26 -3.04
CA PRO A 182 -19.07 13.26 -2.03
C PRO A 182 -18.20 14.39 -2.57
N TRP A 183 -17.15 14.06 -3.32
CA TRP A 183 -16.25 15.05 -3.87
C TRP A 183 -15.40 14.40 -4.94
N ILE A 184 -14.92 15.21 -5.89
CA ILE A 184 -14.02 14.75 -6.94
C ILE A 184 -12.82 15.69 -6.97
N LEU A 185 -11.77 15.25 -7.66
CA LEU A 185 -10.56 16.05 -7.80
C LEU A 185 -10.70 17.07 -8.92
N ASN A 186 -10.17 18.26 -8.68
CA ASN A 186 -10.03 19.28 -9.72
C ASN A 186 -8.69 19.05 -10.41
N VAL A 187 -8.73 18.55 -11.64
CA VAL A 187 -7.53 18.23 -12.39
C VAL A 187 -7.55 18.95 -13.73
N ASP A 188 -6.40 19.46 -14.14
CA ASP A 188 -6.18 20.02 -15.46
C ASP A 188 -6.58 19.00 -16.52
N PRO A 189 -7.52 19.34 -17.43
CA PRO A 189 -7.91 18.38 -18.48
C PRO A 189 -6.82 18.13 -19.50
N GLU A 190 -5.81 18.99 -19.61
CA GLU A 190 -4.77 18.83 -20.61
C GLU A 190 -3.66 17.86 -20.18
N LYS A 191 -3.62 17.48 -18.91
CA LYS A 191 -2.58 16.61 -18.39
C LYS A 191 -3.19 15.32 -17.84
N GLY A 192 -2.40 14.25 -17.86
CA GLY A 192 -2.80 13.00 -17.24
C GLY A 192 -3.49 12.04 -18.20
N SER A 193 -3.90 10.91 -17.64
CA SER A 193 -4.48 9.83 -18.42
C SER A 193 -5.96 10.07 -18.66
N ASP A 194 -6.45 9.55 -19.79
CA ASP A 194 -7.90 9.54 -20.02
C ASP A 194 -8.59 8.61 -19.03
N ILE A 195 -8.07 7.39 -18.88
CA ILE A 195 -8.52 6.47 -17.84
C ILE A 195 -7.29 5.81 -17.23
N ILE A 196 -7.43 5.40 -15.97
CA ILE A 196 -6.41 4.65 -15.25
C ILE A 196 -7.03 3.32 -14.84
N ILE A 197 -6.34 2.23 -15.16
CA ILE A 197 -6.83 0.89 -14.86
C ILE A 197 -5.98 0.31 -13.75
N GLY A 198 -6.56 0.23 -12.54
CA GLY A 198 -5.94 -0.52 -11.47
C GLY A 198 -6.21 -2.00 -11.65
N THR A 199 -5.16 -2.79 -11.83
CA THR A 199 -5.34 -4.21 -12.15
C THR A 199 -4.26 -5.02 -11.45
N GLY A 200 -4.40 -6.33 -11.54
CA GLY A 200 -3.50 -7.26 -10.88
C GLY A 200 -4.25 -8.42 -10.26
N ALA A 201 -3.73 -8.96 -9.16
CA ALA A 201 -4.38 -10.08 -8.49
C ALA A 201 -3.95 -10.08 -7.03
N THR A 202 -4.70 -10.84 -6.23
CA THR A 202 -4.42 -10.97 -4.81
C THR A 202 -4.59 -12.41 -4.38
N ARG A 203 -3.55 -12.97 -3.77
CA ARG A 203 -3.66 -14.30 -3.19
C ARG A 203 -4.62 -14.26 -2.01
N ILE A 204 -5.58 -15.19 -2.01
CA ILE A 204 -6.49 -15.34 -0.88
C ILE A 204 -6.16 -16.57 -0.04
N ASP A 205 -5.67 -17.65 -0.65
CA ASP A 205 -5.19 -18.83 0.05
C ASP A 205 -3.68 -18.97 -0.21
N ASN A 206 -3.13 -20.12 0.16
CA ASN A 206 -1.78 -20.44 -0.27
C ASN A 206 -1.73 -20.80 -1.75
N VAL A 207 -2.87 -21.08 -2.36
CA VAL A 207 -2.89 -21.70 -3.68
C VAL A 207 -3.83 -20.96 -4.64
N ASN A 208 -4.83 -20.28 -4.09
CA ASN A 208 -5.84 -19.61 -4.92
C ASN A 208 -5.67 -18.10 -4.88
N LEU A 209 -6.31 -17.46 -5.86
CA LEU A 209 -6.18 -16.02 -6.06
C LEU A 209 -7.31 -15.58 -6.98
N PHE A 210 -7.45 -14.26 -7.14
CA PHE A 210 -8.44 -13.72 -8.06
C PHE A 210 -7.89 -12.45 -8.68
N CYS A 211 -8.25 -12.23 -9.94
CA CYS A 211 -7.80 -11.05 -10.66
C CYS A 211 -8.85 -9.94 -10.56
N PHE A 212 -8.37 -8.71 -10.59
CA PHE A 212 -9.24 -7.54 -10.55
C PHE A 212 -8.79 -6.55 -11.62
N ALA A 213 -9.71 -5.69 -12.03
CA ALA A 213 -9.38 -4.56 -12.88
C ALA A 213 -10.44 -3.49 -12.67
N MET A 214 -9.99 -2.26 -12.45
CA MET A 214 -10.86 -1.17 -12.03
C MET A 214 -10.50 0.08 -12.82
N VAL A 215 -11.49 0.65 -13.52
CA VAL A 215 -11.26 1.78 -14.41
C VAL A 215 -11.63 3.07 -13.69
N PHE A 216 -10.73 4.04 -13.74
CA PHE A 216 -10.91 5.32 -13.08
C PHE A 216 -10.76 6.47 -14.08
N LYS A 217 -11.51 7.54 -13.85
CA LYS A 217 -11.19 8.81 -14.47
C LYS A 217 -10.00 9.45 -13.75
N LYS A 218 -9.42 10.48 -14.37
CA LYS A 218 -8.33 11.19 -13.71
C LYS A 218 -8.82 12.02 -12.54
N ASP A 219 -10.13 12.26 -12.42
CA ASP A 219 -10.67 13.00 -11.29
C ASP A 219 -10.94 12.12 -10.08
N GLY A 220 -10.68 10.81 -10.17
CA GLY A 220 -10.79 9.91 -9.05
C GLY A 220 -12.01 9.02 -9.05
N THR A 221 -12.99 9.29 -9.90
CA THR A 221 -14.22 8.49 -9.92
C THR A 221 -13.98 7.15 -10.58
N MET A 222 -14.62 6.11 -10.04
CA MET A 222 -14.56 4.77 -10.61
C MET A 222 -15.71 4.59 -11.61
N LEU A 223 -15.37 4.17 -12.82
CA LEU A 223 -16.34 4.01 -13.89
C LEU A 223 -16.84 2.57 -14.04
N TRP A 224 -15.94 1.60 -13.84
CA TRP A 224 -16.28 0.19 -14.01
C TRP A 224 -15.28 -0.64 -13.24
N ASN A 225 -15.69 -1.84 -12.85
CA ASN A 225 -14.81 -2.71 -12.09
C ASN A 225 -15.27 -4.16 -12.27
N GLU A 226 -14.31 -5.06 -12.49
CA GLU A 226 -14.59 -6.48 -12.63
C GLU A 226 -13.61 -7.28 -11.79
N ILE A 227 -14.04 -8.47 -11.41
CA ILE A 227 -13.17 -9.44 -10.74
C ILE A 227 -13.31 -10.77 -11.45
N SER A 228 -12.22 -11.51 -11.48
CA SER A 228 -12.23 -12.85 -12.03
C SER A 228 -12.77 -13.83 -10.99
N PRO A 229 -13.20 -15.01 -11.41
CA PRO A 229 -13.47 -16.07 -10.44
C PRO A 229 -12.19 -16.48 -9.73
N ILE A 230 -12.35 -17.15 -8.59
CA ILE A 230 -11.20 -17.62 -7.82
C ILE A 230 -10.54 -18.76 -8.59
N VAL A 231 -9.26 -18.59 -8.92
CA VAL A 231 -8.51 -19.55 -9.72
C VAL A 231 -7.16 -19.79 -9.06
N THR A 232 -6.42 -20.74 -9.63
CA THR A 232 -5.07 -21.07 -9.17
C THR A 232 -4.04 -20.24 -9.94
N SER A 233 -2.80 -20.26 -9.44
CA SER A 233 -1.77 -19.41 -10.02
C SER A 233 -1.45 -19.80 -11.47
N SER A 234 -1.68 -21.06 -11.83
CA SER A 234 -1.44 -21.49 -13.20
C SER A 234 -2.39 -20.82 -14.20
N GLU A 235 -3.50 -20.28 -13.72
CA GLU A 235 -4.48 -19.60 -14.57
C GLU A 235 -4.43 -18.08 -14.41
N TYR A 236 -3.38 -17.55 -13.76
CA TYR A 236 -3.35 -16.13 -13.44
C TYR A 236 -3.33 -15.27 -14.69
N LEU A 237 -2.36 -15.50 -15.57
CA LEU A 237 -2.19 -14.62 -16.73
C LEU A 237 -3.41 -14.68 -17.65
N THR A 238 -4.04 -15.84 -17.77
CA THR A 238 -5.22 -15.95 -18.62
C THR A 238 -6.36 -15.08 -18.09
N TYR A 239 -6.65 -15.19 -16.79
CA TYR A 239 -7.76 -14.43 -16.23
C TYR A 239 -7.41 -12.96 -16.05
N LEU A 240 -6.13 -12.64 -15.85
CA LEU A 240 -5.71 -11.25 -15.83
C LEU A 240 -6.06 -10.56 -17.14
N LYS A 241 -5.78 -11.22 -18.26
CA LYS A 241 -6.11 -10.65 -19.56
C LYS A 241 -7.62 -10.59 -19.77
N SER A 242 -8.33 -11.66 -19.40
CA SER A 242 -9.79 -11.66 -19.59
C SER A 242 -10.46 -10.62 -18.70
N THR A 243 -10.02 -10.51 -17.45
CA THR A 243 -10.63 -9.53 -16.55
C THR A 243 -10.46 -8.11 -17.08
N ILE A 244 -9.25 -7.76 -17.52
CA ILE A 244 -8.99 -6.41 -18.00
C ILE A 244 -9.84 -6.09 -19.23
N LYS A 245 -9.94 -7.04 -20.16
CA LYS A 245 -10.72 -6.80 -21.37
C LYS A 245 -12.18 -6.55 -21.06
N LYS A 246 -12.71 -7.24 -20.04
CA LYS A 246 -14.13 -7.10 -19.73
C LYS A 246 -14.44 -5.79 -19.04
N VAL A 247 -13.46 -5.19 -18.35
CA VAL A 247 -13.71 -3.92 -17.68
C VAL A 247 -13.73 -2.80 -18.70
N VAL A 248 -12.90 -2.91 -19.73
CA VAL A 248 -12.89 -1.94 -20.82
C VAL A 248 -14.15 -2.07 -21.66
N TYR A 249 -14.60 -3.31 -21.91
CA TYR A 249 -15.89 -3.52 -22.55
C TYR A 249 -16.98 -2.77 -21.79
N GLY A 250 -17.07 -3.00 -20.48
CA GLY A 250 -18.06 -2.32 -19.68
C GLY A 250 -17.87 -0.81 -19.65
N PHE A 251 -16.62 -0.37 -19.52
CA PHE A 251 -16.35 1.07 -19.59
C PHE A 251 -16.76 1.64 -20.93
N LYS A 252 -16.48 0.92 -22.01
CA LYS A 252 -16.73 1.50 -23.32
C LYS A 252 -18.21 1.54 -23.66
N LYS A 253 -18.97 0.52 -23.27
CA LYS A 253 -20.38 0.50 -23.65
C LYS A 253 -21.15 1.58 -22.90
N SER A 254 -20.70 1.89 -21.69
CA SER A 254 -21.25 2.96 -20.88
C SER A 254 -20.62 4.31 -21.19
N ASN A 255 -19.56 4.35 -22.01
CA ASN A 255 -18.98 5.60 -22.50
C ASN A 255 -18.57 5.41 -23.95
N PRO A 256 -19.54 5.31 -24.87
CA PRO A 256 -19.18 5.13 -26.29
C PRO A 256 -18.48 6.34 -26.89
N ASP A 257 -18.68 7.52 -26.31
CA ASP A 257 -18.21 8.78 -26.88
C ASP A 257 -16.78 9.11 -26.47
N TRP A 258 -16.07 8.19 -25.81
CA TRP A 258 -14.79 8.49 -25.18
C TRP A 258 -13.68 7.76 -25.94
N ASP A 259 -12.93 8.51 -26.73
CA ASP A 259 -11.74 7.99 -27.39
C ASP A 259 -10.58 8.03 -26.39
N VAL A 260 -10.19 6.86 -25.87
CA VAL A 260 -9.11 6.79 -24.90
C VAL A 260 -7.79 6.86 -25.67
N GLU A 261 -7.08 8.00 -25.52
CA GLU A 261 -5.83 8.19 -26.23
C GLU A 261 -4.61 8.06 -25.35
N LYS A 262 -4.76 8.23 -24.05
CA LYS A 262 -3.69 7.96 -23.11
C LYS A 262 -4.23 7.09 -21.99
N LEU A 263 -3.53 6.01 -21.73
CA LEU A 263 -3.97 4.98 -20.81
C LEU A 263 -2.84 4.67 -19.85
N THR A 264 -3.18 4.44 -18.59
CA THR A 264 -2.19 4.04 -17.60
C THR A 264 -2.70 2.84 -16.84
N LEU A 265 -1.82 1.87 -16.60
CA LEU A 265 -2.15 0.68 -15.84
C LEU A 265 -1.39 0.72 -14.52
N HIS A 266 -2.13 0.64 -13.42
CA HIS A 266 -1.56 0.56 -12.08
C HIS A 266 -1.69 -0.89 -11.61
N VAL A 267 -0.57 -1.60 -11.63
CA VAL A 267 -0.55 -3.01 -11.26
C VAL A 267 -0.13 -3.14 -9.80
N SER A 268 -0.91 -3.85 -9.02
CA SER A 268 -0.63 -4.04 -7.60
C SER A 268 -1.11 -5.42 -7.17
N GLY A 269 -0.89 -5.73 -5.89
CA GLY A 269 -1.37 -6.97 -5.32
C GLY A 269 -0.30 -8.03 -5.16
N LYS A 270 -0.38 -8.78 -4.06
CA LYS A 270 0.51 -9.91 -3.85
C LYS A 270 0.07 -11.05 -4.77
N ARG A 271 0.83 -11.27 -5.83
CA ARG A 271 0.39 -12.11 -6.94
C ARG A 271 1.51 -13.03 -7.39
N PRO A 272 1.26 -13.99 -8.29
CA PRO A 272 2.34 -14.84 -8.78
C PRO A 272 3.51 -14.03 -9.32
N LYS A 273 4.72 -14.52 -9.06
CA LYS A 273 5.95 -13.84 -9.46
C LYS A 273 6.27 -14.17 -10.91
N MET A 274 5.55 -13.51 -11.83
CA MET A 274 5.74 -13.75 -13.28
C MET A 274 5.83 -12.37 -13.93
N LYS A 275 6.78 -11.52 -13.52
CA LYS A 275 6.81 -10.13 -14.01
C LYS A 275 6.98 -10.07 -15.53
N ASP A 276 7.92 -10.84 -16.08
CA ASP A 276 8.19 -10.78 -17.54
C ASP A 276 6.95 -11.28 -18.30
N GLY A 277 6.36 -12.37 -17.84
CA GLY A 277 5.13 -12.90 -18.47
C GLY A 277 3.98 -11.93 -18.32
N GLU A 278 3.84 -11.32 -17.14
CA GLU A 278 2.70 -10.40 -16.87
C GLU A 278 2.79 -9.20 -17.81
N THR A 279 3.98 -8.62 -17.97
CA THR A 279 4.15 -7.46 -18.87
C THR A 279 3.80 -7.91 -20.29
N LYS A 280 4.31 -9.06 -20.72
CA LYS A 280 3.96 -9.59 -22.03
C LYS A 280 2.44 -9.60 -22.24
N ILE A 281 1.72 -10.24 -21.32
CA ILE A 281 0.28 -10.42 -21.48
C ILE A 281 -0.44 -9.07 -21.43
N LEU A 282 0.01 -8.18 -20.56
CA LEU A 282 -0.65 -6.88 -20.44
C LEU A 282 -0.50 -6.09 -21.73
N LYS A 283 0.67 -6.13 -22.37
CA LYS A 283 0.90 -5.43 -23.65
C LYS A 283 0.06 -6.12 -24.73
N GLU A 284 -0.09 -7.44 -24.63
CA GLU A 284 -0.94 -8.10 -25.60
C GLU A 284 -2.38 -7.62 -25.46
N THR A 285 -2.82 -7.41 -24.21
CA THR A 285 -4.19 -6.98 -23.97
C THR A 285 -4.46 -5.61 -24.55
N VAL A 286 -3.52 -4.67 -24.39
CA VAL A 286 -3.70 -3.34 -24.96
C VAL A 286 -3.76 -3.42 -26.48
N GLU A 287 -2.88 -4.23 -27.08
CA GLU A 287 -2.91 -4.39 -28.54
C GLU A 287 -4.22 -4.98 -29.01
N GLU A 288 -4.75 -5.97 -28.27
CA GLU A 288 -6.03 -6.56 -28.63
C GLU A 288 -7.15 -5.54 -28.50
N LEU A 289 -7.10 -4.71 -27.45
CA LEU A 289 -8.10 -3.66 -27.29
C LEU A 289 -7.98 -2.61 -28.39
N LYS A 290 -6.76 -2.37 -28.89
CA LYS A 290 -6.59 -1.48 -30.04
C LYS A 290 -7.30 -2.02 -31.27
N LYS A 291 -6.99 -3.28 -31.63
CA LYS A 291 -7.68 -3.97 -32.72
C LYS A 291 -9.19 -3.89 -32.59
N GLN A 292 -9.71 -4.08 -31.37
CA GLN A 292 -11.14 -4.15 -31.17
C GLN A 292 -11.79 -2.79 -31.04
N GLU A 293 -11.04 -1.71 -31.28
CA GLU A 293 -11.54 -0.34 -31.25
C GLU A 293 -12.05 0.08 -29.87
N MET A 294 -11.58 -0.58 -28.81
CA MET A 294 -11.97 -0.16 -27.46
C MET A 294 -11.19 1.07 -27.01
N VAL A 295 -9.93 1.16 -27.42
CA VAL A 295 -9.11 2.36 -27.21
C VAL A 295 -8.63 2.84 -28.57
N SER A 296 -8.04 4.04 -28.57
CA SER A 296 -7.53 4.61 -29.81
C SER A 296 -6.48 3.70 -30.43
N ARG A 297 -6.43 3.69 -31.76
CA ARG A 297 -5.47 2.85 -32.47
C ARG A 297 -4.03 3.27 -32.20
N ASP A 298 -3.81 4.52 -31.83
CA ASP A 298 -2.49 5.04 -31.50
C ASP A 298 -2.42 5.47 -30.04
N VAL A 299 -3.05 4.68 -29.17
CA VAL A 299 -3.07 5.01 -27.74
C VAL A 299 -1.64 5.00 -27.20
N LYS A 300 -1.31 6.02 -26.41
CA LYS A 300 -0.08 6.04 -25.65
C LYS A 300 -0.36 5.54 -24.25
N TYR A 301 0.41 4.56 -23.80
CA TYR A 301 0.12 3.92 -22.52
C TYR A 301 1.41 3.61 -21.78
N ALA A 302 1.25 3.30 -20.49
CA ALA A 302 2.36 2.93 -19.63
C ALA A 302 1.85 1.93 -18.59
N ILE A 303 2.74 1.04 -18.16
CA ILE A 303 2.43 0.02 -17.18
C ILE A 303 3.31 0.27 -15.96
N LEU A 304 2.68 0.52 -14.81
CA LEU A 304 3.39 0.86 -13.58
C LEU A 304 3.10 -0.19 -12.51
N HIS A 305 4.12 -0.49 -11.72
CA HIS A 305 3.99 -1.38 -10.56
C HIS A 305 4.00 -0.55 -9.29
N LEU A 306 2.92 -0.61 -8.54
CA LEU A 306 2.76 0.16 -7.30
C LEU A 306 2.76 -0.81 -6.13
N ASN A 307 3.65 -0.58 -5.17
N ASN A 307 3.63 -0.56 -5.17
CA ASN A 307 3.76 -1.45 -4.01
CA ASN A 307 3.80 -1.45 -4.01
C ASN A 307 3.95 -0.62 -2.76
C ASN A 307 3.95 -0.60 -2.75
N GLU A 308 3.06 -0.79 -1.79
CA GLU A 308 3.21 -0.15 -0.50
C GLU A 308 4.19 -0.90 0.41
N THR A 309 4.49 -2.15 0.08
CA THR A 309 5.41 -2.98 0.84
C THR A 309 6.77 -2.98 0.16
N HIS A 310 7.78 -2.50 0.87
CA HIS A 310 9.15 -2.32 0.40
C HIS A 310 10.00 -1.90 1.59
N PRO A 311 11.33 -1.98 1.53
CA PRO A 311 12.15 -1.72 2.71
C PRO A 311 12.54 -0.27 2.93
N PHE A 312 12.00 0.68 2.17
CA PHE A 312 12.52 2.05 2.19
C PHE A 312 11.77 2.94 3.17
N TRP A 313 12.50 3.87 3.78
CA TRP A 313 11.95 4.92 4.60
C TRP A 313 12.64 6.24 4.24
N VAL A 314 11.89 7.33 4.30
CA VAL A 314 12.40 8.65 3.95
C VAL A 314 12.15 9.61 5.11
N MET A 315 13.20 10.29 5.55
CA MET A 315 13.14 11.25 6.63
C MET A 315 13.26 12.67 6.08
N GLY A 316 12.46 13.59 6.62
CA GLY A 316 12.34 14.92 6.06
C GLY A 316 12.59 16.01 7.10
N ASP A 317 11.87 17.11 6.90
CA ASP A 317 12.16 18.37 7.60
C ASP A 317 11.81 18.26 9.09
N PRO A 318 12.68 18.73 9.99
CA PRO A 318 12.33 18.73 11.42
C PRO A 318 11.07 19.52 11.74
N ASN A 319 10.67 20.45 10.87
CA ASN A 319 9.44 21.20 11.06
C ASN A 319 8.22 20.48 10.52
N ASN A 320 8.40 19.29 9.95
CA ASN A 320 7.31 18.49 9.41
C ASN A 320 7.31 17.11 10.07
N ARG A 321 7.56 17.07 11.38
CA ARG A 321 7.69 15.82 12.13
C ARG A 321 8.77 14.91 11.52
N PHE A 322 9.83 15.52 10.99
CA PHE A 322 10.93 14.81 10.34
C PHE A 322 10.45 13.94 9.18
N HIS A 323 9.35 14.36 8.54
CA HIS A 323 8.76 13.67 7.41
C HIS A 323 8.92 14.48 6.14
N PRO A 324 9.05 13.82 4.99
CA PRO A 324 9.01 14.55 3.71
C PRO A 324 7.61 15.09 3.45
N TYR A 325 7.55 16.11 2.60
CA TYR A 325 6.29 16.76 2.30
C TYR A 325 5.49 15.97 1.27
N GLU A 326 4.17 16.14 1.32
CA GLU A 326 3.25 15.56 0.35
C GLU A 326 3.76 15.80 -1.07
N GLY A 327 3.64 14.77 -1.91
CA GLY A 327 4.03 14.88 -3.29
C GLY A 327 5.51 14.80 -3.55
N THR A 328 6.31 14.43 -2.56
CA THR A 328 7.74 14.24 -2.79
C THR A 328 7.95 13.01 -3.67
N LYS A 329 8.76 13.18 -4.71
CA LYS A 329 9.08 12.10 -5.64
C LYS A 329 10.59 11.86 -5.59
N VAL A 330 10.98 10.81 -4.89
CA VAL A 330 12.38 10.40 -4.83
C VAL A 330 12.65 9.42 -5.96
N LYS A 331 13.72 9.65 -6.71
CA LYS A 331 14.13 8.76 -7.78
C LYS A 331 15.13 7.76 -7.22
N LEU A 332 14.70 6.51 -7.04
CA LEU A 332 15.58 5.48 -6.52
C LEU A 332 16.60 5.04 -7.56
N SER A 333 16.15 4.88 -8.80
CA SER A 333 16.99 4.42 -9.90
C SER A 333 16.36 4.91 -11.20
N SER A 334 16.81 4.34 -12.32
CA SER A 334 16.42 4.88 -13.62
C SER A 334 14.92 4.80 -13.86
N LYS A 335 14.25 3.79 -13.31
CA LYS A 335 12.83 3.59 -13.59
C LYS A 335 12.02 3.27 -12.33
N ARG A 336 12.53 3.62 -11.15
CA ARG A 336 11.83 3.37 -9.90
C ARG A 336 11.84 4.61 -9.04
N TYR A 337 10.68 4.90 -8.42
CA TYR A 337 10.50 6.10 -7.64
C TYR A 337 9.83 5.77 -6.31
N LEU A 338 10.04 6.64 -5.33
CA LEU A 338 9.31 6.62 -4.06
C LEU A 338 8.48 7.88 -3.96
N LEU A 339 7.18 7.71 -3.73
CA LEU A 339 6.22 8.81 -3.71
C LEU A 339 5.67 8.98 -2.30
N THR A 340 5.83 10.18 -1.75
CA THR A 340 5.23 10.52 -0.46
C THR A 340 3.79 10.96 -0.72
N LEU A 341 2.84 10.12 -0.33
CA LEU A 341 1.43 10.43 -0.54
C LEU A 341 0.81 11.20 0.62
N LEU A 342 1.32 11.01 1.84
CA LEU A 342 0.64 11.49 3.03
C LEU A 342 1.68 12.05 3.99
N GLN A 343 1.26 13.03 4.78
CA GLN A 343 2.17 13.79 5.63
C GLN A 343 1.40 14.25 6.85
N PRO A 344 2.10 14.71 7.91
CA PRO A 344 1.40 15.33 9.04
C PRO A 344 0.67 16.58 8.59
N TYR A 345 -0.55 16.75 9.08
CA TYR A 345 -1.44 17.79 8.61
C TYR A 345 -1.71 18.80 9.71
N LEU A 346 -1.77 20.08 9.32
CA LEU A 346 -2.13 21.13 10.26
C LEU A 346 -3.57 20.96 10.73
N LYS A 347 -3.75 20.86 12.04
CA LYS A 347 -5.04 21.04 12.65
C LYS A 347 -5.08 22.44 13.27
N ARG A 348 -6.15 22.74 14.00
CA ARG A 348 -6.39 24.12 14.41
C ARG A 348 -5.29 24.63 15.34
N ASN A 349 -4.82 23.80 16.26
CA ASN A 349 -3.85 24.23 17.26
C ASN A 349 -2.43 23.75 16.97
N GLY A 350 -2.17 23.21 15.80
CA GLY A 350 -0.81 22.90 15.41
C GLY A 350 -0.74 21.63 14.58
N LEU A 351 0.49 21.22 14.31
CA LEU A 351 0.76 20.02 13.52
C LEU A 351 0.52 18.76 14.35
N GLU A 352 -0.05 17.74 13.70
CA GLU A 352 -0.37 16.51 14.38
C GLU A 352 0.88 15.67 14.60
N MET A 353 0.79 14.76 15.57
CA MET A 353 1.82 13.76 15.80
C MET A 353 1.48 12.50 14.99
N VAL A 354 2.49 11.94 14.33
CA VAL A 354 2.29 10.80 13.45
C VAL A 354 3.28 9.70 13.82
N THR A 355 2.83 8.46 13.64
CA THR A 355 3.76 7.36 13.53
C THR A 355 4.45 7.45 12.17
N PRO A 356 5.68 6.95 12.05
CA PRO A 356 6.42 7.08 10.79
C PRO A 356 5.62 6.60 9.58
N ILE A 357 5.62 7.41 8.54
CA ILE A 357 4.82 7.16 7.34
C ILE A 357 5.73 6.65 6.24
N LYS A 358 5.34 5.55 5.61
CA LYS A 358 6.16 4.95 4.56
C LYS A 358 5.71 5.44 3.18
N PRO A 359 6.66 5.78 2.30
CA PRO A 359 6.27 6.19 0.94
C PRO A 359 5.79 5.02 0.09
N LEU A 360 5.34 5.31 -1.12
CA LEU A 360 4.87 4.29 -2.06
C LEU A 360 5.95 4.05 -3.11
N SER A 361 6.24 2.78 -3.38
CA SER A 361 7.16 2.42 -4.44
C SER A 361 6.43 2.41 -5.79
N VAL A 362 6.99 3.10 -6.77
CA VAL A 362 6.44 3.16 -8.12
C VAL A 362 7.55 2.79 -9.09
N GLU A 363 7.29 1.78 -9.91
CA GLU A 363 8.22 1.35 -10.94
C GLU A 363 7.51 1.38 -12.30
N ILE A 364 8.10 2.09 -13.26
CA ILE A 364 7.60 2.04 -14.62
C ILE A 364 8.18 0.82 -15.32
N VAL A 365 7.28 -0.03 -15.83
CA VAL A 365 7.67 -1.31 -16.39
C VAL A 365 7.65 -1.31 -17.91
N SER A 366 6.73 -0.58 -18.53
CA SER A 366 6.63 -0.55 -19.98
C SER A 366 5.92 0.73 -20.41
N ASP A 367 6.23 1.18 -21.63
CA ASP A 367 5.57 2.32 -22.23
C ASP A 367 5.86 2.30 -23.73
N ASN A 368 5.05 3.05 -24.47
CA ASN A 368 5.25 3.19 -25.91
C ASN A 368 5.48 4.65 -26.28
N TRP A 369 6.05 5.43 -25.36
CA TRP A 369 6.38 6.81 -25.61
C TRP A 369 7.65 6.90 -26.44
N THR A 370 7.85 8.08 -27.02
CA THR A 370 9.12 8.35 -27.75
C THR A 370 10.14 8.80 -26.70
N SER A 371 11.43 8.79 -27.04
CA SER A 371 12.49 9.16 -26.07
C SER A 371 12.33 10.62 -25.64
N GLU A 372 11.96 11.51 -26.56
CA GLU A 372 11.86 12.97 -26.24
C GLU A 372 10.78 13.24 -25.18
N GLU A 373 9.65 12.53 -25.22
CA GLU A 373 8.54 12.83 -24.28
C GLU A 373 8.59 11.92 -23.06
N TYR A 374 9.57 11.02 -22.97
CA TYR A 374 9.60 10.02 -21.86
C TYR A 374 9.56 10.67 -20.47
N TYR A 375 10.59 11.42 -20.10
CA TYR A 375 10.65 11.97 -18.75
C TYR A 375 9.48 12.92 -18.47
N HIS A 376 9.01 13.63 -19.50
CA HIS A 376 7.85 14.51 -19.31
C HIS A 376 6.60 13.70 -18.99
N ASN A 377 6.42 12.54 -19.62
CA ASN A 377 5.25 11.71 -19.37
C ASN A 377 5.36 10.98 -18.04
N VAL A 378 6.58 10.58 -17.66
CA VAL A 378 6.77 9.87 -16.39
C VAL A 378 6.33 10.72 -15.22
N HIS A 379 6.74 11.99 -15.21
CA HIS A 379 6.35 12.86 -14.11
C HIS A 379 4.89 13.31 -14.19
N GLU A 380 4.24 13.17 -15.34
CA GLU A 380 2.81 13.46 -15.39
C GLU A 380 2.01 12.35 -14.72
N ILE A 381 2.42 11.08 -14.92
CA ILE A 381 1.71 9.99 -14.28
C ILE A 381 2.16 9.78 -12.83
N LEU A 382 3.35 10.24 -12.48
CA LEU A 382 3.74 10.26 -11.06
C LEU A 382 2.91 11.27 -10.29
N ASP A 383 2.75 12.48 -10.85
CA ASP A 383 1.84 13.45 -10.26
C ASP A 383 0.44 12.89 -10.15
N GLU A 384 0.00 12.16 -11.18
CA GLU A 384 -1.34 11.60 -11.19
C GLU A 384 -1.52 10.54 -10.10
N ILE A 385 -0.47 9.76 -9.83
CA ILE A 385 -0.53 8.78 -8.75
C ILE A 385 -0.71 9.49 -7.42
N TYR A 386 -0.01 10.60 -7.21
CA TYR A 386 -0.20 11.36 -5.98
C TYR A 386 -1.61 11.95 -5.91
N TYR A 387 -2.10 12.51 -7.02
CA TYR A 387 -3.45 13.06 -7.04
C TYR A 387 -4.49 12.00 -6.67
N LEU A 388 -4.38 10.82 -7.28
CA LEU A 388 -5.33 9.74 -7.00
C LEU A 388 -5.24 9.25 -5.56
N SER A 389 -4.13 9.52 -4.87
CA SER A 389 -4.05 9.18 -3.45
C SER A 389 -4.88 10.11 -2.59
N LYS A 390 -5.42 11.19 -3.16
CA LYS A 390 -6.30 12.11 -2.44
C LYS A 390 -7.78 11.83 -2.67
N MET A 391 -8.11 10.80 -3.43
CA MET A 391 -9.48 10.34 -3.60
C MET A 391 -9.72 9.14 -2.69
N ASN A 392 -10.61 9.33 -1.71
CA ASN A 392 -10.95 8.24 -0.79
C ASN A 392 -12.33 8.55 -0.22
N TRP A 393 -13.32 7.76 -0.63
CA TRP A 393 -14.69 7.93 -0.15
C TRP A 393 -15.03 6.98 0.99
N ARG A 394 -14.03 6.35 1.60
CA ARG A 394 -14.28 5.48 2.74
C ARG A 394 -14.39 6.26 4.05
N GLY A 395 -14.08 7.55 4.03
CA GLY A 395 -14.13 8.37 5.23
C GLY A 395 -13.46 9.70 4.97
N PHE A 396 -13.29 10.46 6.05
CA PHE A 396 -12.70 11.79 5.94
C PHE A 396 -11.18 11.77 6.03
N ARG A 397 -10.61 10.82 6.76
CA ARG A 397 -9.16 10.72 6.88
C ARG A 397 -8.56 10.16 5.59
N SER A 398 -7.36 10.64 5.27
CA SER A 398 -6.70 10.21 4.04
C SER A 398 -6.09 8.82 4.21
N ARG A 399 -5.97 8.11 3.09
CA ARG A 399 -5.37 6.79 3.03
C ARG A 399 -4.00 6.89 2.37
N ASN A 400 -3.01 6.18 2.93
CA ASN A 400 -1.67 6.21 2.37
C ASN A 400 -1.57 5.29 1.15
N LEU A 401 -2.51 5.43 0.21
CA LEU A 401 -2.58 4.61 -0.98
C LEU A 401 -3.28 5.40 -2.07
N PRO A 402 -2.87 5.25 -3.33
CA PRO A 402 -3.70 5.75 -4.42
C PRO A 402 -4.99 4.96 -4.50
N VAL A 403 -6.04 5.61 -5.03
CA VAL A 403 -7.34 4.96 -5.11
C VAL A 403 -7.27 3.72 -5.99
N THR A 404 -6.33 3.68 -6.94
CA THR A 404 -6.22 2.54 -7.83
C THR A 404 -5.65 1.31 -7.14
N VAL A 405 -5.03 1.47 -5.97
CA VAL A 405 -4.61 0.35 -5.16
C VAL A 405 -5.49 0.17 -3.93
N ASN A 406 -6.03 1.25 -3.36
CA ASN A 406 -6.84 1.17 -2.16
C ASN A 406 -8.13 0.38 -2.40
N TYR A 407 -8.88 0.76 -3.43
CA TYR A 407 -10.17 0.11 -3.67
C TYR A 407 -10.04 -1.37 -4.02
N PRO A 408 -9.08 -1.81 -4.85
CA PRO A 408 -8.90 -3.26 -5.03
C PRO A 408 -8.58 -3.99 -3.73
N LYS A 409 -7.80 -3.38 -2.84
CA LYS A 409 -7.52 -4.00 -1.56
C LYS A 409 -8.80 -4.19 -0.75
N LEU A 410 -9.71 -3.23 -0.81
CA LEU A 410 -10.99 -3.38 -0.13
C LEU A 410 -11.80 -4.52 -0.73
N VAL A 411 -11.78 -4.64 -2.07
CA VAL A 411 -12.45 -5.77 -2.72
C VAL A 411 -11.83 -7.09 -2.28
N ALA A 412 -10.50 -7.13 -2.23
CA ALA A 412 -9.81 -8.37 -1.86
C ALA A 412 -10.17 -8.79 -0.43
N GLY A 413 -10.29 -7.83 0.48
CA GLY A 413 -10.63 -8.16 1.86
C GLY A 413 -11.99 -8.84 1.97
N ILE A 414 -12.95 -8.41 1.15
CA ILE A 414 -14.26 -9.03 1.17
C ILE A 414 -14.22 -10.41 0.51
N ILE A 415 -13.59 -10.49 -0.67
CA ILE A 415 -13.55 -11.75 -1.41
C ILE A 415 -12.85 -12.83 -0.59
N ALA A 416 -11.69 -12.49 -0.01
CA ALA A 416 -10.92 -13.48 0.73
C ALA A 416 -11.66 -13.98 1.96
N ASN A 417 -12.30 -13.08 2.69
CA ASN A 417 -12.98 -13.46 3.93
C ASN A 417 -14.29 -14.19 3.65
N VAL A 418 -15.03 -13.77 2.62
CA VAL A 418 -16.24 -14.49 2.22
C VAL A 418 -15.88 -15.91 1.82
N ASN A 419 -14.83 -16.07 1.02
CA ASN A 419 -14.36 -17.40 0.67
C ASN A 419 -13.87 -18.17 1.88
N ARG A 420 -13.29 -17.49 2.86
CA ARG A 420 -12.73 -18.21 4.00
C ARG A 420 -13.78 -18.64 5.00
N TYR A 421 -14.84 -17.86 5.19
CA TYR A 421 -15.78 -18.14 6.25
C TYR A 421 -17.16 -18.56 5.75
N GLY A 422 -17.36 -18.66 4.45
CA GLY A 422 -18.59 -19.26 3.92
C GLY A 422 -19.73 -18.29 3.75
N GLY A 423 -19.53 -17.25 2.94
CA GLY A 423 -20.58 -16.32 2.60
C GLY A 423 -21.16 -16.59 1.22
N TYR A 424 -22.00 -15.68 0.75
CA TYR A 424 -22.66 -15.82 -0.58
C TYR A 424 -21.73 -15.35 -1.70
N PRO A 425 -21.69 -16.05 -2.85
CA PRO A 425 -20.87 -15.62 -3.99
C PRO A 425 -21.35 -14.26 -4.55
N ILE A 426 -20.42 -13.39 -4.93
CA ILE A 426 -20.75 -12.02 -5.43
C ILE A 426 -21.52 -12.05 -6.75
N ASN A 427 -21.24 -13.00 -7.65
CA ASN A 427 -21.88 -12.99 -9.00
C ASN A 427 -21.75 -11.58 -9.62
N PRO A 428 -20.54 -10.97 -9.69
CA PRO A 428 -20.40 -9.57 -10.13
C PRO A 428 -20.71 -9.15 -11.58
N GLU A 429 -20.36 -9.98 -12.57
CA GLU A 429 -20.51 -9.58 -14.00
C GLU A 429 -21.98 -9.31 -14.32
N GLY A 430 -22.90 -10.12 -13.78
CA GLY A 430 -24.33 -9.90 -14.04
C GLY A 430 -24.88 -8.59 -13.52
N ASN A 431 -24.51 -8.16 -12.31
CA ASN A 431 -25.15 -6.96 -11.70
C ASN A 431 -24.50 -5.65 -12.12
N ARG A 432 -25.28 -4.74 -12.73
CA ARG A 432 -24.77 -3.42 -13.14
C ARG A 432 -24.36 -2.59 -11.92
N SER A 433 -25.15 -2.64 -10.85
CA SER A 433 -24.86 -1.85 -9.63
C SER A 433 -23.46 -2.21 -9.12
N LEU A 434 -23.15 -3.50 -9.03
CA LEU A 434 -21.86 -3.93 -8.49
C LEU A 434 -20.71 -3.48 -9.38
N GLN A 435 -20.95 -3.28 -10.67
CA GLN A 435 -19.86 -2.88 -11.55
C GLN A 435 -19.60 -1.37 -11.51
N THR A 436 -20.57 -0.57 -11.09
CA THR A 436 -20.43 0.88 -11.14
C THR A 436 -20.57 1.56 -9.79
N ASN A 437 -20.81 0.82 -8.71
CA ASN A 437 -20.95 1.43 -7.40
C ASN A 437 -19.89 0.91 -6.44
N PRO A 438 -19.41 1.74 -5.52
CA PRO A 438 -18.38 1.30 -4.56
C PRO A 438 -18.98 0.48 -3.41
N TRP A 439 -19.45 -0.72 -3.76
CA TRP A 439 -20.03 -1.62 -2.77
C TRP A 439 -19.02 -2.09 -1.74
N PHE A 440 -17.73 -1.93 -2.03
CA PHE A 440 -16.64 -2.45 -1.22
C PHE A 440 -16.22 -1.51 -0.09
N LEU A 441 -16.77 -0.31 -0.03
CA LEU A 441 -16.32 0.69 0.95
C LEU A 441 -16.59 0.26 2.38
N HIS B 8 41.01 1.50 -5.93
CA HIS B 8 39.62 1.33 -5.53
C HIS B 8 38.74 2.42 -6.14
N HIS B 9 37.43 2.30 -5.94
CA HIS B 9 36.46 3.31 -6.35
C HIS B 9 36.10 4.16 -5.14
N HIS B 10 36.17 5.48 -5.29
CA HIS B 10 35.71 6.38 -4.25
C HIS B 10 34.46 7.11 -4.72
N SER B 11 33.39 6.99 -3.93
CA SER B 11 32.14 7.68 -4.20
C SER B 11 32.15 9.02 -3.46
N GLN B 12 32.27 10.10 -4.21
CA GLN B 12 32.32 11.44 -3.62
C GLN B 12 30.92 12.02 -3.57
N ASP B 13 30.47 12.40 -2.38
CA ASP B 13 29.21 13.08 -2.15
C ASP B 13 28.04 12.25 -2.66
N PRO B 14 27.89 10.99 -2.22
CA PRO B 14 26.93 10.10 -2.89
C PRO B 14 25.48 10.48 -2.60
N MET B 15 24.66 10.34 -3.65
CA MET B 15 23.29 10.86 -3.70
C MET B 15 22.80 10.94 -5.14
N SER B 32 16.97 23.78 4.75
CA SER B 32 17.97 23.04 3.99
C SER B 32 17.33 22.26 2.85
N GLY B 33 16.20 21.61 3.15
CA GLY B 33 15.51 20.82 2.14
C GLY B 33 16.17 19.51 1.81
N ILE B 34 16.93 18.95 2.75
CA ILE B 34 17.65 17.69 2.55
C ILE B 34 16.81 16.57 3.12
N LEU B 35 16.66 15.49 2.35
CA LEU B 35 15.98 14.29 2.80
C LEU B 35 17.00 13.20 3.09
N TYR B 36 16.54 12.16 3.80
CA TYR B 36 17.43 11.04 4.18
C TYR B 36 16.71 9.73 3.88
N ILE B 37 17.46 8.72 3.44
CA ILE B 37 16.85 7.39 3.11
C ILE B 37 17.65 6.32 3.86
N ASN B 38 17.06 5.15 4.11
CA ASN B 38 17.75 4.08 4.86
C ASN B 38 18.67 3.30 3.92
N ILE B 39 19.50 4.02 3.16
CA ILE B 39 20.49 3.38 2.26
C ILE B 39 21.84 3.88 2.75
N TYR B 40 22.74 2.96 3.09
CA TYR B 40 24.05 3.39 3.65
C TYR B 40 25.11 3.12 2.59
N PRO B 41 25.77 4.17 2.05
CA PRO B 41 26.70 3.99 0.92
C PRO B 41 28.03 3.26 1.12
N ILE B 42 28.40 2.41 0.15
CA ILE B 42 29.75 1.76 0.20
C ILE B 42 30.65 2.66 -0.65
N VAL B 43 31.28 3.66 -0.02
CA VAL B 43 32.02 4.67 -0.74
C VAL B 43 33.32 4.15 -1.34
N ASN B 44 33.87 3.07 -0.80
CA ASN B 44 35.05 2.43 -1.37
C ASN B 44 34.76 0.96 -1.62
N TYR B 45 35.17 0.47 -2.79
CA TYR B 45 35.05 -0.94 -3.14
C TYR B 45 36.00 -1.23 -4.30
N PRO B 46 36.38 -2.49 -4.50
CA PRO B 46 37.32 -2.81 -5.59
C PRO B 46 36.68 -2.59 -6.95
N GLU B 47 37.33 -1.78 -7.79
CA GLU B 47 36.78 -1.50 -9.11
C GLU B 47 36.87 -2.70 -10.06
N THR B 48 37.75 -3.66 -9.78
CA THR B 48 37.79 -4.91 -10.52
C THR B 48 37.75 -6.08 -9.54
N ILE B 49 37.02 -7.13 -9.91
CA ILE B 49 36.93 -8.32 -9.09
C ILE B 49 37.21 -9.53 -9.96
N LYS B 50 37.66 -10.61 -9.30
CA LYS B 50 37.89 -11.88 -9.97
C LYS B 50 36.58 -12.66 -10.04
N VAL B 51 36.22 -13.06 -11.24
CA VAL B 51 35.03 -13.86 -11.49
C VAL B 51 35.41 -15.00 -12.43
N SER B 52 34.78 -16.15 -12.25
CA SER B 52 35.05 -17.32 -13.08
C SER B 52 33.75 -18.12 -13.23
N ALA B 53 33.40 -18.43 -14.49
CA ALA B 53 32.10 -18.98 -14.81
C ALA B 53 32.20 -20.46 -15.17
N ILE B 54 31.15 -21.20 -14.84
CA ILE B 54 31.00 -22.60 -15.19
C ILE B 54 29.59 -22.84 -15.70
N PRO B 55 29.41 -23.87 -16.53
CA PRO B 55 28.06 -24.15 -17.04
C PRO B 55 27.12 -24.54 -15.91
N TYR B 56 25.86 -24.13 -16.04
CA TYR B 56 24.85 -24.48 -15.06
C TYR B 56 24.56 -25.98 -15.12
N TYR B 57 24.35 -26.58 -13.94
CA TYR B 57 23.92 -27.95 -13.81
C TYR B 57 22.70 -27.98 -12.88
N GLU B 58 21.78 -28.90 -13.15
CA GLU B 58 20.49 -28.86 -12.47
C GLU B 58 20.55 -29.28 -11.01
N GLU B 59 21.66 -29.89 -10.57
CA GLU B 59 21.81 -30.21 -9.15
C GLU B 59 22.31 -29.02 -8.34
N PHE B 60 22.54 -27.88 -8.98
CA PHE B 60 23.11 -26.72 -8.30
C PHE B 60 22.15 -26.18 -7.24
N LEU B 61 22.71 -25.82 -6.10
CA LEU B 61 21.96 -25.22 -5.01
C LEU B 61 22.62 -23.92 -4.60
N PRO B 62 21.85 -22.85 -4.38
CA PRO B 62 22.45 -21.55 -4.11
C PRO B 62 23.22 -21.54 -2.80
N GLY B 63 24.25 -20.69 -2.74
CA GLY B 63 25.07 -20.55 -1.56
C GLY B 63 26.06 -19.41 -1.77
N LYS B 64 26.90 -19.22 -0.75
CA LYS B 64 27.88 -18.13 -0.80
C LYS B 64 28.87 -18.33 -1.94
N TRP B 65 29.42 -17.20 -2.42
CA TRP B 65 30.54 -17.16 -3.36
C TRP B 65 30.19 -17.75 -4.72
N LYS B 66 28.90 -17.92 -5.02
CA LYS B 66 28.47 -18.32 -6.34
C LYS B 66 27.10 -17.71 -6.61
N LYS B 67 26.84 -17.42 -7.88
CA LYS B 67 25.56 -16.85 -8.28
C LYS B 67 25.18 -17.37 -9.66
N ARG B 68 23.99 -17.96 -9.77
CA ARG B 68 23.48 -18.34 -11.07
C ARG B 68 23.01 -17.11 -11.84
N ILE B 69 23.45 -17.02 -13.10
CA ILE B 69 22.94 -16.01 -14.01
C ILE B 69 22.65 -16.70 -15.34
N GLY B 70 21.38 -16.93 -15.64
CA GLY B 70 21.00 -17.69 -16.81
C GLY B 70 21.43 -19.14 -16.68
N ASP B 71 22.27 -19.60 -17.62
N ASP B 71 22.27 -19.61 -17.62
CA ASP B 71 22.81 -20.95 -17.59
CA ASP B 71 22.81 -20.95 -17.58
C ASP B 71 24.31 -20.96 -17.32
C ASP B 71 24.31 -20.97 -17.28
N LEU B 72 24.82 -19.91 -16.68
CA LEU B 72 26.19 -19.86 -16.19
C LEU B 72 26.15 -19.66 -14.68
N ILE B 73 27.12 -20.26 -13.99
CA ILE B 73 27.27 -20.09 -12.56
C ILE B 73 28.58 -19.37 -12.32
N TYR B 74 28.50 -18.13 -11.85
CA TYR B 74 29.67 -17.30 -11.64
C TYR B 74 30.19 -17.48 -10.22
N LEU B 75 31.45 -17.87 -10.10
CA LEU B 75 32.13 -17.97 -8.82
C LEU B 75 32.94 -16.71 -8.58
N TYR B 76 33.02 -16.31 -7.31
CA TYR B 76 33.67 -15.04 -6.96
C TYR B 76 34.17 -15.13 -5.52
N GLY B 77 34.99 -14.15 -5.16
CA GLY B 77 35.47 -14.07 -3.79
C GLY B 77 36.29 -15.29 -3.41
N TYR B 78 35.91 -15.92 -2.30
CA TYR B 78 36.60 -17.12 -1.85
C TYR B 78 36.28 -18.34 -2.71
N GLY B 79 35.27 -18.25 -3.58
CA GLY B 79 35.01 -19.31 -4.54
C GLY B 79 35.98 -19.34 -5.70
N ILE B 80 36.71 -18.25 -5.93
CA ILE B 80 37.77 -18.24 -6.92
C ILE B 80 38.91 -19.12 -6.45
N GLU B 81 39.50 -19.89 -7.37
CA GLU B 81 40.66 -20.69 -7.01
C GLU B 81 41.81 -20.47 -7.99
N ASN B 82 41.71 -20.96 -9.21
CA ASN B 82 42.83 -20.91 -10.16
C ASN B 82 42.53 -20.09 -11.39
N GLU B 83 41.50 -20.44 -12.14
CA GLU B 83 41.20 -19.88 -13.45
C GLU B 83 40.00 -18.95 -13.36
N PHE B 84 40.17 -17.72 -13.89
CA PHE B 84 39.26 -16.62 -13.60
C PHE B 84 39.45 -15.50 -14.62
N ASP B 85 38.39 -14.72 -14.82
CA ASP B 85 38.46 -13.44 -15.53
C ASP B 85 38.35 -12.29 -14.54
N GLU B 86 38.78 -11.11 -14.98
CA GLU B 86 38.70 -9.90 -14.16
C GLU B 86 37.80 -8.89 -14.86
N ILE B 87 36.74 -8.49 -14.18
CA ILE B 87 35.73 -7.59 -14.74
C ILE B 87 35.63 -6.35 -13.85
N ASP B 88 35.31 -5.22 -14.48
CA ASP B 88 35.31 -3.92 -13.82
C ASP B 88 33.88 -3.39 -13.69
N ASN B 89 33.75 -2.25 -13.02
CA ASN B 89 32.43 -1.65 -12.79
C ASN B 89 31.80 -1.12 -14.06
N SER B 90 32.52 -1.11 -15.18
CA SER B 90 31.91 -0.76 -16.46
C SER B 90 31.09 -1.91 -17.03
N ASN B 91 31.46 -3.14 -16.71
CA ASN B 91 30.72 -4.30 -17.18
C ASN B 91 29.41 -4.42 -16.42
N ALA B 92 28.33 -4.72 -17.15
CA ALA B 92 27.03 -4.89 -16.51
C ALA B 92 27.03 -6.08 -15.56
N LEU B 93 27.91 -7.05 -15.79
CA LEU B 93 28.00 -8.22 -14.92
C LEU B 93 28.53 -7.87 -13.53
N PHE B 94 29.25 -6.75 -13.39
CA PHE B 94 29.82 -6.38 -12.11
C PHE B 94 28.74 -6.16 -11.06
N GLY B 95 27.70 -5.39 -11.42
CA GLY B 95 26.65 -5.10 -10.46
C GLY B 95 25.83 -6.32 -10.09
N LYS B 96 25.60 -7.21 -11.05
CA LYS B 96 24.85 -8.43 -10.78
C LYS B 96 25.53 -9.27 -9.71
N ILE B 97 26.86 -9.38 -9.78
CA ILE B 97 27.62 -10.20 -8.87
C ILE B 97 27.93 -9.47 -7.57
N PHE B 98 28.34 -8.20 -7.67
CA PHE B 98 28.72 -7.45 -6.48
C PHE B 98 27.56 -7.25 -5.51
N ARG B 99 26.32 -7.31 -5.99
CA ARG B 99 25.19 -7.13 -5.10
C ARG B 99 25.05 -8.31 -4.13
N LYS B 100 25.36 -9.52 -4.60
CA LYS B 100 25.35 -10.70 -3.75
C LYS B 100 26.66 -10.90 -3.01
N TYR B 101 27.78 -10.67 -3.70
CA TYR B 101 29.11 -10.81 -3.11
C TYR B 101 29.30 -9.86 -1.94
N LEU B 102 28.56 -8.74 -1.96
CA LEU B 102 28.60 -7.76 -0.86
C LEU B 102 28.00 -8.43 0.38
N LEU B 103 26.81 -9.00 0.23
CA LEU B 103 26.12 -9.59 1.37
C LEU B 103 26.90 -10.77 1.94
N ASP B 104 27.53 -11.56 1.08
CA ASP B 104 28.34 -12.67 1.55
C ASP B 104 29.48 -12.18 2.42
N ILE B 105 30.11 -11.07 2.03
CA ILE B 105 31.19 -10.49 2.83
C ILE B 105 30.66 -10.01 4.17
N LEU B 106 29.56 -9.25 4.15
CA LEU B 106 28.99 -8.75 5.40
C LEU B 106 28.56 -9.89 6.31
N SER B 107 28.22 -11.05 5.75
CA SER B 107 27.78 -12.17 6.56
C SER B 107 28.93 -12.82 7.33
N GLU B 108 30.17 -12.55 6.93
CA GLU B 108 31.33 -13.06 7.71
C GLU B 108 31.77 -11.99 8.71
N ASN B 109 31.02 -10.89 8.86
CA ASN B 109 31.48 -9.81 9.73
C ASN B 109 30.47 -9.47 10.81
N ILE B 110 29.60 -10.41 11.15
CA ILE B 110 28.57 -10.19 12.17
C ILE B 110 29.20 -10.20 13.55
N ALA B 111 28.87 -9.19 14.35
CA ALA B 111 29.36 -9.07 15.71
C ALA B 111 28.29 -9.51 16.69
N THR B 112 28.71 -10.17 17.77
CA THR B 112 27.77 -10.57 18.81
C THR B 112 27.21 -9.33 19.50
N PRO B 113 25.98 -9.43 20.05
CA PRO B 113 25.12 -10.61 20.15
C PRO B 113 24.28 -10.88 18.90
N TRP B 114 24.57 -10.20 17.80
CA TRP B 114 23.83 -10.45 16.57
C TRP B 114 24.21 -11.79 15.96
N GLN B 115 23.22 -12.49 15.44
CA GLN B 115 23.43 -13.78 14.79
C GLN B 115 22.89 -13.75 13.37
N LEU B 116 23.49 -14.55 12.50
CA LEU B 116 22.95 -14.74 11.17
C LEU B 116 21.65 -15.52 11.24
N LYS B 117 20.62 -15.00 10.59
CA LYS B 117 19.34 -15.70 10.47
C LYS B 117 19.11 -16.27 9.08
N GLU B 118 19.50 -15.54 8.04
CA GLU B 118 19.24 -15.96 6.67
C GLU B 118 20.16 -15.19 5.74
N LEU B 119 20.68 -15.87 4.72
CA LEU B 119 21.54 -15.24 3.72
C LEU B 119 21.21 -15.81 2.35
N GLY B 120 20.77 -14.93 1.45
CA GLY B 120 20.57 -15.27 0.06
C GLY B 120 20.76 -14.03 -0.79
N SER B 121 19.70 -13.61 -1.49
CA SER B 121 19.69 -12.28 -2.07
C SER B 121 19.45 -11.19 -1.02
N THR B 122 19.09 -11.59 0.19
CA THR B 122 18.87 -10.68 1.31
C THR B 122 19.62 -11.22 2.53
N LEU B 123 20.18 -10.31 3.32
CA LEU B 123 20.88 -10.65 4.55
C LEU B 123 20.00 -10.29 5.74
N ARG B 124 19.81 -11.25 6.65
CA ARG B 124 18.94 -11.07 7.81
C ARG B 124 19.71 -11.41 9.08
N LEU B 125 19.74 -10.46 10.02
CA LEU B 125 20.42 -10.61 11.31
C LEU B 125 19.42 -10.40 12.43
N VAL B 126 19.64 -11.07 13.55
CA VAL B 126 18.72 -11.01 14.69
C VAL B 126 19.51 -10.84 15.99
N LYS B 127 18.92 -10.09 16.93
CA LYS B 127 19.36 -10.10 18.32
C LYS B 127 18.12 -10.08 19.21
N GLU B 128 18.15 -10.89 20.27
CA GLU B 128 17.17 -10.76 21.35
C GLU B 128 17.24 -9.38 21.98
N ILE B 129 16.08 -8.78 22.20
CA ILE B 129 15.99 -7.53 22.95
C ILE B 129 16.10 -7.85 24.44
N THR B 130 17.09 -7.27 25.11
CA THR B 130 17.31 -7.52 26.53
C THR B 130 16.91 -6.35 27.42
N GLU B 131 16.49 -5.22 26.84
CA GLU B 131 15.94 -4.14 27.64
C GLU B 131 14.66 -4.61 28.33
N ASN B 132 14.41 -4.06 29.52
CA ASN B 132 13.28 -4.52 30.32
C ASN B 132 11.96 -4.09 29.69
N TYR B 133 11.01 -5.00 29.72
CA TYR B 133 9.64 -4.73 29.31
C TYR B 133 8.77 -5.70 30.06
N GLU B 134 7.61 -5.21 30.47
CA GLU B 134 6.72 -6.01 31.26
C GLU B 134 6.43 -7.27 30.45
N PHE B 135 6.15 -8.41 31.10
CA PHE B 135 5.77 -9.71 30.44
C PHE B 135 6.95 -10.36 29.70
N SER B 136 8.22 -9.96 30.00
CA SER B 136 9.48 -10.43 29.39
C SER B 136 9.95 -11.73 29.93
N ASN B 137 9.13 -12.35 30.78
CA ASN B 137 9.39 -13.72 31.22
C ASN B 137 8.57 -14.73 30.43
N ILE B 138 7.58 -14.29 29.67
CA ILE B 138 6.80 -15.18 28.82
C ILE B 138 6.97 -14.86 27.34
N ILE B 139 7.25 -13.62 26.97
CA ILE B 139 7.28 -13.19 25.58
C ILE B 139 8.68 -12.69 25.24
N LYS B 140 9.27 -13.27 24.20
CA LYS B 140 10.62 -12.94 23.76
C LYS B 140 10.54 -12.02 22.54
N LEU B 141 11.43 -11.03 22.49
CA LEU B 141 11.39 -10.04 21.41
C LEU B 141 12.74 -9.94 20.70
N GLN B 142 12.72 -9.93 19.34
CA GLN B 142 14.05 -9.86 18.69
C GLN B 142 14.16 -8.91 17.50
N TYR B 143 15.02 -7.88 17.59
CA TYR B 143 15.33 -7.04 16.43
C TYR B 143 15.77 -7.93 15.29
N GLU B 144 15.29 -7.63 14.10
CA GLU B 144 15.72 -8.30 12.89
C GLU B 144 16.08 -7.25 11.86
N LEU B 145 17.37 -7.13 11.58
CA LEU B 145 17.83 -6.26 10.51
C LEU B 145 17.71 -6.98 9.17
N ILE B 146 17.02 -6.35 8.22
CA ILE B 146 16.85 -6.88 6.87
C ILE B 146 17.70 -6.04 5.94
N ILE B 147 18.70 -6.66 5.34
CA ILE B 147 19.72 -5.94 4.58
C ILE B 147 19.66 -6.37 3.12
N ASN B 148 19.52 -5.40 2.24
CA ASN B 148 19.61 -5.57 0.79
C ASN B 148 20.69 -4.63 0.25
N VAL B 149 20.94 -4.74 -1.05
CA VAL B 149 21.93 -3.90 -1.72
C VAL B 149 21.22 -3.08 -2.79
N HIS B 150 21.46 -1.77 -2.79
CA HIS B 150 20.93 -0.87 -3.80
C HIS B 150 22.04 -0.50 -4.78
N HIS B 151 21.70 -0.44 -6.06
CA HIS B 151 22.66 -0.20 -7.13
C HIS B 151 22.10 0.87 -8.05
N TRP B 152 22.63 2.08 -7.87
CA TRP B 152 22.14 3.24 -8.66
C TRP B 152 23.31 3.86 -9.42
N GLN B 153 23.06 4.89 -10.22
CA GLN B 153 24.10 5.46 -11.10
C GLN B 153 24.61 4.28 -11.91
N ASN B 154 25.93 4.11 -12.02
CA ASN B 154 26.44 2.87 -12.66
C ASN B 154 27.46 2.29 -11.69
N THR B 155 28.07 3.15 -10.88
CA THR B 155 29.14 2.72 -9.96
C THR B 155 28.74 2.94 -8.50
N ASN B 156 27.45 3.17 -8.22
CA ASN B 156 27.07 3.52 -6.82
C ASN B 156 26.37 2.34 -6.13
N PHE B 157 26.85 1.94 -4.95
CA PHE B 157 26.26 0.83 -4.21
C PHE B 157 26.02 1.26 -2.77
N GLY B 158 25.02 0.64 -2.16
CA GLY B 158 24.73 0.88 -0.76
C GLY B 158 23.85 -0.23 -0.24
N ILE B 159 23.80 -0.33 1.09
CA ILE B 159 22.98 -1.35 1.75
C ILE B 159 21.70 -0.71 2.25
N ILE B 160 20.56 -1.28 1.85
CA ILE B 160 19.25 -0.88 2.35
C ILE B 160 19.02 -1.69 3.62
N VAL B 161 18.81 -1.03 4.75
CA VAL B 161 18.56 -1.74 5.99
C VAL B 161 17.17 -1.36 6.49
N ASP B 162 16.34 -2.37 6.73
CA ASP B 162 15.06 -2.19 7.38
C ASP B 162 15.08 -2.93 8.71
N LEU B 163 14.07 -2.67 9.54
CA LEU B 163 14.04 -3.25 10.88
C LEU B 163 12.65 -3.83 11.14
N LYS B 164 12.62 -5.11 11.49
CA LYS B 164 11.43 -5.76 12.01
C LYS B 164 11.71 -6.22 13.42
N ILE B 165 10.62 -6.49 14.15
CA ILE B 165 10.70 -7.02 15.51
C ILE B 165 9.87 -8.30 15.55
N ASN B 166 10.50 -9.39 15.99
CA ASN B 166 9.84 -10.68 16.05
C ASN B 166 9.37 -10.96 17.47
N ILE B 167 8.16 -11.50 17.59
CA ILE B 167 7.55 -11.82 18.88
C ILE B 167 7.56 -13.34 19.01
N LEU B 168 8.15 -13.82 20.11
CA LEU B 168 8.41 -15.24 20.29
C LEU B 168 7.99 -15.65 21.70
N ASP B 169 7.31 -16.79 21.80
CA ASP B 169 7.02 -17.38 23.10
C ASP B 169 8.30 -17.98 23.67
N ARG B 170 8.73 -17.50 24.83
CA ARG B 170 10.04 -17.88 25.37
C ARG B 170 10.13 -19.36 25.73
N GLU B 171 8.99 -20.02 25.98
CA GLU B 171 8.98 -21.44 26.31
C GLU B 171 9.40 -22.26 25.10
N ASN B 172 8.95 -21.80 23.94
CA ASN B 172 8.89 -22.46 22.65
C ASN B 172 10.01 -22.02 21.73
N ASN B 173 10.58 -20.84 22.00
CA ASN B 173 11.38 -20.04 21.06
C ASN B 173 10.72 -19.97 19.68
N GLN B 174 9.40 -20.03 19.63
CA GLN B 174 8.70 -20.15 18.37
C GLN B 174 7.72 -18.99 18.20
N ARG B 175 7.55 -18.56 16.96
CA ARG B 175 6.80 -17.34 16.69
C ARG B 175 5.37 -17.45 17.17
N ILE B 176 4.88 -16.37 17.76
CA ILE B 176 3.53 -16.29 18.29
C ILE B 176 2.88 -15.03 17.74
N SER B 177 1.69 -15.16 17.19
CA SER B 177 1.00 -14.02 16.62
C SER B 177 0.25 -13.27 17.71
N TYR B 178 -0.20 -12.05 17.37
CA TYR B 178 -0.94 -11.24 18.33
C TYR B 178 -2.23 -11.92 18.75
N THR B 179 -2.83 -12.73 17.86
CA THR B 179 -4.07 -13.41 18.19
C THR B 179 -3.85 -14.46 19.29
N LYS B 180 -2.85 -15.32 19.12
CA LYS B 180 -2.66 -16.43 20.05
C LYS B 180 -2.14 -15.96 21.41
N ILE B 181 -1.45 -14.82 21.47
CA ILE B 181 -0.99 -14.30 22.75
C ILE B 181 -2.20 -13.95 23.64
N LYS B 182 -3.16 -13.23 23.07
CA LYS B 182 -4.41 -12.96 23.77
C LYS B 182 -5.10 -14.26 24.17
N ASP B 183 -5.12 -15.24 23.27
CA ASP B 183 -5.73 -16.52 23.58
C ASP B 183 -5.01 -17.20 24.74
N LYS B 184 -3.68 -17.34 24.62
CA LYS B 184 -2.92 -18.08 25.62
C LYS B 184 -2.68 -17.29 26.89
N TYR B 185 -2.37 -16.00 26.77
CA TYR B 185 -1.93 -15.21 27.92
C TYR B 185 -2.87 -14.07 28.29
N GLY B 186 -3.89 -13.79 27.50
CA GLY B 186 -4.86 -12.76 27.87
C GLY B 186 -4.72 -11.53 27.00
N GLU B 187 -5.83 -10.79 26.91
CA GLU B 187 -5.84 -9.58 26.09
C GLU B 187 -4.95 -8.50 26.67
N SER B 188 -4.91 -8.39 28.00
CA SER B 188 -4.04 -7.40 28.66
C SER B 188 -2.60 -7.57 28.22
N VAL B 189 -2.12 -8.82 28.20
CA VAL B 189 -0.73 -9.10 27.84
C VAL B 189 -0.45 -8.62 26.42
N LYS B 190 -1.37 -8.92 25.52
CA LYS B 190 -1.19 -8.63 24.10
C LYS B 190 -1.04 -7.14 23.86
N LYS B 191 -1.95 -6.35 24.44
CA LYS B 191 -1.96 -4.89 24.41
C LYS B 191 -0.61 -4.32 24.79
N LYS B 192 -0.08 -4.73 25.94
CA LYS B 192 1.21 -4.20 26.39
C LYS B 192 2.36 -4.67 25.51
N ILE B 193 2.30 -5.91 25.00
CA ILE B 193 3.35 -6.37 24.10
C ILE B 193 3.34 -5.57 22.81
N TRP B 194 2.16 -5.30 22.27
CA TRP B 194 2.06 -4.47 21.07
C TRP B 194 2.68 -3.10 21.30
N VAL B 195 2.29 -2.44 22.40
CA VAL B 195 2.82 -1.12 22.72
C VAL B 195 4.34 -1.17 22.86
N SER B 196 4.85 -2.25 23.46
CA SER B 196 6.29 -2.38 23.64
C SER B 196 7.02 -2.49 22.31
N VAL B 197 6.48 -3.29 21.38
CA VAL B 197 7.09 -3.42 20.06
C VAL B 197 7.09 -2.07 19.35
N GLN B 198 5.99 -1.31 19.47
CA GLN B 198 5.95 0.01 18.86
C GLN B 198 6.94 0.96 19.53
N ALA B 199 7.14 0.80 20.83
CA ALA B 199 8.13 1.62 21.53
C ALA B 199 9.54 1.24 21.09
N PHE B 200 9.83 -0.06 21.03
CA PHE B 200 11.15 -0.49 20.58
C PHE B 200 11.38 -0.14 19.10
N HIS B 201 10.30 -0.07 18.32
CA HIS B 201 10.40 0.46 16.95
C HIS B 201 10.58 1.97 16.92
N ARG B 202 10.39 2.65 18.05
CA ARG B 202 10.37 4.10 18.15
C ARG B 202 9.23 4.72 17.33
N HIS B 203 8.18 3.94 17.08
CA HIS B 203 6.98 4.47 16.44
C HIS B 203 6.10 5.19 17.46
N LEU B 204 6.07 4.71 18.70
CA LEU B 204 5.31 5.31 19.78
C LEU B 204 6.20 5.44 21.01
N THR B 205 5.76 6.26 21.95
CA THR B 205 6.42 6.33 23.24
C THR B 205 6.21 5.03 24.00
N PRO B 206 7.06 4.74 25.00
CA PRO B 206 6.83 3.56 25.85
C PRO B 206 5.44 3.58 26.47
N GLU B 207 4.84 4.77 26.57
CA GLU B 207 3.48 4.92 27.05
C GLU B 207 2.43 4.79 25.94
N GLY B 208 2.85 4.46 24.72
CA GLY B 208 1.90 4.16 23.67
C GLY B 208 1.32 5.37 22.97
N LYS B 209 2.05 6.47 22.97
CA LYS B 209 1.57 7.77 22.53
C LYS B 209 2.43 8.28 21.36
N LYS B 210 1.78 8.94 20.40
CA LYS B 210 2.51 9.50 19.27
C LYS B 210 3.29 10.72 19.72
N TYR B 211 4.52 10.86 19.23
CA TYR B 211 5.41 11.92 19.69
C TYR B 211 6.08 12.58 18.49
N ALA B 212 6.88 13.61 18.79
CA ALA B 212 7.29 14.59 17.77
C ALA B 212 8.51 14.15 16.97
N THR B 213 9.36 13.28 17.50
CA THR B 213 10.63 12.94 16.86
C THR B 213 10.69 11.47 16.45
N ALA B 214 9.53 10.88 16.15
CA ALA B 214 9.47 9.44 15.91
C ALA B 214 10.34 9.03 14.73
N MET B 215 10.19 9.73 13.59
CA MET B 215 10.96 9.35 12.40
C MET B 215 12.45 9.55 12.61
N ARG B 216 12.84 10.63 13.30
CA ARG B 216 14.26 10.86 13.57
C ARG B 216 14.82 9.78 14.49
N ASP B 217 14.07 9.41 15.53
CA ASP B 217 14.55 8.38 16.46
C ASP B 217 14.57 7.01 15.81
N LYS B 218 13.63 6.74 14.89
CA LYS B 218 13.67 5.48 14.15
C LYS B 218 14.92 5.38 13.29
N PHE B 219 15.33 6.48 12.67
CA PHE B 219 16.54 6.47 11.85
C PHE B 219 17.79 6.33 12.72
N ASN B 220 17.79 6.94 13.90
CA ASN B 220 18.91 6.76 14.82
C ASN B 220 19.00 5.31 15.30
N LEU B 221 17.85 4.66 15.48
CA LEU B 221 17.86 3.27 15.91
C LEU B 221 18.41 2.35 14.81
N LEU B 222 17.97 2.57 13.56
CA LEU B 222 18.54 1.81 12.44
C LEU B 222 20.04 1.99 12.36
N THR B 223 20.51 3.24 12.36
CA THR B 223 21.94 3.50 12.29
C THR B 223 22.67 2.88 13.48
N GLY B 224 22.05 2.89 14.65
CA GLY B 224 22.71 2.33 15.83
C GLY B 224 22.77 0.82 15.81
N LEU B 225 21.66 0.17 15.47
CA LEU B 225 21.64 -1.29 15.38
C LEU B 225 22.54 -1.79 14.26
N LEU B 226 22.65 -1.03 13.17
CA LEU B 226 23.50 -1.43 12.06
C LEU B 226 24.97 -1.36 12.43
N LYS B 227 25.38 -0.29 13.11
CA LYS B 227 26.77 -0.14 13.52
C LYS B 227 27.16 -1.20 14.54
N GLU B 228 26.21 -1.59 15.40
CA GLU B 228 26.49 -2.65 16.37
C GLU B 228 26.54 -4.01 15.69
N ALA B 229 25.69 -4.25 14.70
CA ALA B 229 25.62 -5.56 14.05
C ALA B 229 26.92 -5.89 13.34
N PHE B 230 27.62 -4.88 12.83
CA PHE B 230 28.89 -5.09 12.13
C PHE B 230 30.07 -4.54 12.92
N GLY B 231 29.93 -4.47 14.25
CA GLY B 231 31.03 -4.17 15.14
C GLY B 231 31.75 -2.86 14.85
N SER B 232 31.04 -1.87 14.34
CA SER B 232 31.62 -0.58 14.06
C SER B 232 31.28 0.39 15.17
N SER B 233 32.32 0.94 15.80
CA SER B 233 32.12 2.03 16.73
C SER B 233 32.03 3.38 16.05
N GLU B 234 32.37 3.50 14.76
CA GLU B 234 32.64 4.84 14.27
C GLU B 234 31.75 5.09 13.05
N ASP B 235 31.89 6.29 12.48
CA ASP B 235 31.08 6.66 11.32
C ASP B 235 31.28 5.68 10.17
N GLU B 236 32.52 5.35 9.86
CA GLU B 236 32.86 4.42 8.79
C GLU B 236 33.40 3.13 9.37
N LYS B 237 33.48 2.11 8.53
CA LYS B 237 34.21 0.89 8.86
C LYS B 237 34.61 0.20 7.57
N THR B 238 35.81 -0.38 7.56
CA THR B 238 36.35 -1.07 6.40
C THR B 238 36.26 -2.58 6.61
N PHE B 239 35.80 -3.29 5.57
CA PHE B 239 35.69 -4.77 5.64
C PHE B 239 36.65 -5.36 4.61
N SER B 240 36.95 -6.65 4.71
CA SER B 240 37.99 -7.23 3.81
C SER B 240 37.38 -8.19 2.79
N THR B 241 37.76 -8.03 1.51
CA THR B 241 37.32 -8.98 0.46
C THR B 241 38.60 -9.47 -0.21
N PRO B 242 38.63 -10.65 -0.87
CA PRO B 242 39.84 -11.09 -1.58
C PRO B 242 40.29 -10.09 -2.64
N ASP B 243 39.35 -9.48 -3.38
CA ASP B 243 39.69 -8.46 -4.40
C ASP B 243 40.26 -7.19 -3.78
N GLY B 244 39.76 -6.76 -2.62
CA GLY B 244 40.20 -5.47 -2.04
C GLY B 244 39.36 -5.11 -0.83
N GLU B 245 39.45 -3.87 -0.35
CA GLU B 245 38.74 -3.51 0.90
C GLU B 245 37.48 -2.69 0.59
N ILE B 246 36.37 -3.01 1.24
CA ILE B 246 35.14 -2.18 1.08
C ILE B 246 35.04 -1.22 2.28
N LYS B 247 34.35 -0.09 2.14
CA LYS B 247 34.22 0.90 3.20
C LYS B 247 32.78 1.39 3.21
N ILE B 248 32.09 1.19 4.33
CA ILE B 248 30.69 1.57 4.48
C ILE B 248 30.61 2.79 5.40
N VAL B 249 29.93 3.83 4.95
CA VAL B 249 29.66 4.99 5.77
C VAL B 249 28.29 4.82 6.42
N PHE B 250 28.28 4.72 7.76
CA PHE B 250 27.06 4.44 8.51
C PHE B 250 26.29 5.73 8.80
N LYS B 251 25.94 6.45 7.72
CA LYS B 251 25.11 7.63 7.79
C LYS B 251 24.10 7.51 6.65
N PRO B 252 22.81 7.73 6.92
CA PRO B 252 21.80 7.58 5.86
C PRO B 252 22.08 8.49 4.68
N LEU B 253 21.83 7.96 3.48
CA LEU B 253 22.09 8.70 2.25
C LEU B 253 21.24 9.97 2.19
N GLU B 254 21.81 11.02 1.62
CA GLU B 254 21.12 12.29 1.49
C GLU B 254 20.45 12.39 0.12
N ILE B 255 19.30 13.05 0.08
CA ILE B 255 18.56 13.28 -1.15
C ILE B 255 18.34 14.77 -1.28
N VAL B 256 18.76 15.34 -2.41
CA VAL B 256 18.68 16.78 -2.63
C VAL B 256 17.57 17.06 -3.64
N GLU B 257 16.95 18.23 -3.50
CA GLU B 257 16.00 18.67 -4.51
C GLU B 257 16.75 19.01 -5.79
N VAL B 258 16.18 18.61 -6.91
CA VAL B 258 16.81 18.85 -8.21
C VAL B 258 16.92 20.34 -8.48
N SER B 259 17.94 20.72 -9.24
CA SER B 259 18.16 22.12 -9.58
C SER B 259 17.05 22.67 -10.48
MG MG E . -16.96 -0.07 5.03
C ACY F . -24.53 -19.88 1.90
O ACY F . -25.54 -20.42 2.41
OXT ACY F . -24.06 -18.79 2.27
CH3 ACY F . -23.84 -20.62 0.75
C ACY G . 13.38 13.30 -9.91
O ACY G . 14.51 13.25 -9.41
OXT ACY G . 13.11 13.89 -10.97
CH3 ACY G . 12.25 12.58 -9.18
C ACY H . -12.51 -21.72 7.80
O ACY H . -13.42 -22.29 8.42
OXT ACY H . -12.34 -21.81 6.56
CH3 ACY H . -11.50 -20.88 8.59
C ACY I . 6.77 22.86 1.15
O ACY I . 6.01 23.06 2.11
OXT ACY I . 6.48 22.16 0.15
CH3 ACY I . 8.16 23.51 1.18
C ACY J . 14.16 -3.58 -3.08
O ACY J . 12.92 -3.66 -3.02
OXT ACY J . 14.77 -2.77 -3.78
CH3 ACY J . 14.99 -4.54 -2.22
C1 EDO K . -14.56 29.50 3.61
O1 EDO K . -13.72 30.00 4.64
C2 EDO K . -15.98 30.03 3.81
O2 EDO K . -16.86 29.41 2.87
C1 EDO L . 12.50 10.46 -30.01
O1 EDO L . 11.74 11.50 -30.62
C2 EDO L . 12.14 9.12 -30.65
O2 EDO L . 12.73 8.06 -29.90
C1 EDO M . 1.06 10.02 -21.16
O1 EDO M . 0.35 10.16 -19.93
C2 EDO M . 0.49 8.84 -21.94
O2 EDO M . 0.02 7.85 -21.02
C ACY N . 37.78 -21.39 -9.93
O ACY N . 37.34 -21.71 -8.81
OXT ACY N . 38.67 -20.53 -10.11
CH3 ACY N . 37.20 -22.10 -11.15
C ACY O . 16.46 -33.52 -9.68
O ACY O . 15.71 -33.77 -8.72
OXT ACY O . 16.21 -33.85 -10.86
CH3 ACY O . 17.77 -32.78 -9.40
C1 EDO P . 20.52 12.31 9.64
O1 EDO P . 21.88 11.96 9.60
C2 EDO P . 19.62 11.13 9.59
O2 EDO P . 20.02 10.10 10.48
C1 PEG Q . 13.81 19.13 17.37
O1 PEG Q . 14.74 18.01 17.49
C2 PEG Q . 12.44 18.63 17.93
O2 PEG Q . 11.45 18.79 16.90
C3 PEG Q . 10.25 18.00 17.07
C4 PEG Q . 9.20 18.48 16.03
O4 PEG Q . 8.87 17.33 15.21
C ACY R . -19.35 27.75 10.85
O ACY R . -19.18 26.62 11.35
OXT ACY R . -20.43 28.36 10.85
CH3 ACY R . -18.14 28.44 10.22
C1 EDO S . -1.99 4.51 19.07
O1 EDO S . -1.73 4.52 17.67
C2 EDO S . -2.65 3.19 19.48
O2 EDO S . -3.95 3.10 18.89
C1 EDO T . -0.88 0.70 13.34
O1 EDO T . -2.24 0.38 13.19
C2 EDO T . -0.54 2.06 12.83
O2 EDO T . -1.10 3.10 13.60
#